data_4ATZ
#
_entry.id   4ATZ
#
_cell.length_a   109.600
_cell.length_b   112.100
_cell.length_c   129.670
_cell.angle_alpha   90.00
_cell.angle_beta   90.00
_cell.angle_gamma   90.00
#
_symmetry.space_group_name_H-M   'P 21 21 21'
#
loop_
_entity.id
_entity.type
_entity.pdbx_description
1 polymer 'Fiber protein'
2 polymer 'DESIGNED ANKYRIN REPEAT PROTEIN'
3 water water
#
loop_
_entity_poly.entity_id
_entity_poly.type
_entity_poly.pdbx_seq_one_letter_code
_entity_poly.pdbx_strand_id
1 'polypeptide(L)'
;MAHHHHHHGSGAITVGNKNNDKLTLWTTPAPSPNCRLNAEKDAKLTLVLTKCGSQILATVSVLAVKGSLAPISGTVQSAH
LIIRFDENGVLLNNSFLDPEYWNFRNGDLTEGNAVGFMPNLSAYPKSHGKTAKSNIVSQVYLNGDKTKPVTLTITLNGTQ
ETGDTTPSAYSMSFSWDWSGHNYINEIFATSSYTFSYIAQE
;
A,B,C
2 'polypeptide(L)'
;DLGKKLLEAARAGQDDEVRILMANGADANAYDHYGRTPLHMAAAVGHLEIVEVLLRNGADVNAVDTNGTTPLHLAASLGH
LEIVEVLLKYGADVNAKDATGITPLYLAAYWGHLEIVEVLLKHGADVNAQDKFGKTAFDISIDIGNEDLAEILQ
;
D,E,F
#
# COMPACT_ATOMS: atom_id res chain seq x y z
N ASN A 20 -21.13 -19.11 -23.03
CA ASN A 20 -20.10 -18.35 -22.19
C ASN A 20 -20.57 -17.33 -21.12
N ASP A 21 -21.79 -16.84 -21.32
CA ASP A 21 -22.41 -15.87 -20.40
C ASP A 21 -22.59 -16.55 -18.98
N LYS A 22 -22.79 -17.88 -18.97
CA LYS A 22 -22.84 -18.65 -17.69
C LYS A 22 -21.53 -18.63 -16.83
N LEU A 23 -20.42 -18.11 -17.37
CA LEU A 23 -19.15 -18.12 -16.65
C LEU A 23 -18.99 -16.75 -15.98
N THR A 24 -20.00 -15.88 -16.07
CA THR A 24 -19.96 -14.62 -15.36
C THR A 24 -21.15 -14.49 -14.46
N LEU A 25 -20.93 -14.05 -13.20
CA LEU A 25 -22.01 -13.80 -12.26
C LEU A 25 -21.75 -12.38 -11.79
N TRP A 26 -22.71 -11.46 -11.99
CA TRP A 26 -22.36 -10.05 -11.71
C TRP A 26 -23.54 -9.14 -11.34
N THR A 27 -23.26 -7.89 -11.04
CA THR A 27 -24.26 -6.86 -10.79
C THR A 27 -24.62 -6.10 -12.02
N THR A 28 -24.21 -6.59 -13.23
CA THR A 28 -24.10 -5.77 -14.51
C THR A 28 -22.98 -4.70 -14.27
N PRO A 29 -22.48 -4.08 -15.39
CA PRO A 29 -21.33 -3.13 -15.26
C PRO A 29 -21.73 -1.82 -14.67
N ALA A 30 -23.05 -1.52 -14.60
CA ALA A 30 -23.44 -0.20 -14.12
C ALA A 30 -24.76 -0.35 -13.32
N PRO A 31 -24.73 -0.92 -12.12
CA PRO A 31 -26.06 -1.23 -11.49
C PRO A 31 -26.66 0.07 -10.98
N SER A 32 -28.01 0.07 -10.83
CA SER A 32 -28.73 1.04 -9.97
C SER A 32 -28.40 0.78 -8.54
N PRO A 33 -28.82 1.67 -7.60
CA PRO A 33 -28.58 1.38 -6.15
C PRO A 33 -29.01 -0.01 -5.80
N ASN A 34 -28.09 -0.84 -5.24
CA ASN A 34 -28.40 -2.24 -5.19
C ASN A 34 -27.89 -2.83 -3.88
N CYS A 35 -27.43 -2.05 -2.92
CA CYS A 35 -26.98 -2.75 -1.69
C CYS A 35 -27.15 -1.83 -0.50
N ARG A 36 -27.02 -2.40 0.69
CA ARG A 36 -27.28 -1.60 1.88
C ARG A 36 -26.00 -1.61 2.73
N LEU A 37 -25.38 -0.45 2.86
CA LEU A 37 -24.23 -0.27 3.79
C LEU A 37 -24.76 0.11 5.19
N ASN A 38 -25.75 1.00 5.24
CA ASN A 38 -26.33 1.42 6.53
C ASN A 38 -27.87 1.48 6.36
N ALA A 39 -28.40 1.88 5.21
CA ALA A 39 -29.86 1.97 4.96
C ALA A 39 -30.16 1.35 3.61
N GLU A 40 -31.39 0.92 3.42
CA GLU A 40 -31.79 0.36 2.12
C GLU A 40 -31.31 1.09 0.85
N LYS A 41 -30.73 0.34 -0.10
CA LYS A 41 -30.30 0.92 -1.39
C LYS A 41 -29.55 2.21 -1.21
N ASP A 42 -28.63 2.23 -0.27
CA ASP A 42 -27.91 3.46 -0.16
C ASP A 42 -26.52 3.44 -0.91
N ALA A 43 -26.27 2.41 -1.73
CA ALA A 43 -24.96 2.33 -2.43
C ALA A 43 -25.12 1.44 -3.67
N LYS A 44 -24.23 1.67 -4.62
CA LYS A 44 -24.09 0.89 -5.87
C LYS A 44 -22.84 0.09 -5.70
N LEU A 45 -23.00 -1.23 -5.61
CA LEU A 45 -21.84 -2.14 -5.55
C LEU A 45 -21.71 -2.69 -6.98
N THR A 46 -20.53 -2.49 -7.61
CA THR A 46 -20.27 -3.14 -8.90
C THR A 46 -19.41 -4.35 -8.60
N LEU A 47 -19.88 -5.57 -8.88
CA LEU A 47 -19.04 -6.71 -8.52
C LEU A 47 -19.22 -7.69 -9.66
N VAL A 48 -18.11 -8.15 -10.21
CA VAL A 48 -18.14 -9.07 -11.34
C VAL A 48 -17.28 -10.28 -11.00
N LEU A 49 -17.89 -11.49 -11.07
CA LEU A 49 -17.13 -12.73 -10.78
C LEU A 49 -17.09 -13.48 -12.11
N THR A 50 -15.87 -13.84 -12.58
CA THR A 50 -15.77 -14.58 -13.84
C THR A 50 -15.08 -15.89 -13.53
N LYS A 51 -15.62 -17.02 -13.97
CA LYS A 51 -15.10 -18.28 -13.51
C LYS A 51 -14.01 -18.71 -14.51
N CYS A 52 -12.79 -18.84 -13.99
CA CYS A 52 -11.59 -19.32 -14.76
C CYS A 52 -11.21 -20.68 -14.21
N GLY A 53 -12.03 -21.67 -14.48
CA GLY A 53 -11.84 -23.06 -13.94
C GLY A 53 -11.83 -23.06 -12.41
N SER A 54 -10.70 -23.48 -11.85
CA SER A 54 -10.65 -23.62 -10.37
C SER A 54 -10.54 -22.25 -9.65
N GLN A 55 -10.30 -21.16 -10.35
CA GLN A 55 -10.31 -19.82 -9.66
C GLN A 55 -11.39 -18.94 -10.22
N ILE A 56 -11.93 -18.06 -9.33
CA ILE A 56 -12.80 -16.95 -9.77
C ILE A 56 -11.94 -15.71 -9.85
N LEU A 57 -12.10 -14.94 -10.90
CA LEU A 57 -11.33 -13.67 -11.08
C LEU A 57 -12.42 -12.66 -10.82
N ALA A 58 -12.17 -11.67 -9.95
CA ALA A 58 -13.27 -10.76 -9.50
C ALA A 58 -12.79 -9.31 -9.68
N THR A 59 -13.71 -8.41 -10.01
CA THR A 59 -13.41 -6.98 -9.83
C THR A 59 -14.55 -6.27 -9.10
N VAL A 60 -14.23 -5.30 -8.26
CA VAL A 60 -15.26 -4.78 -7.33
C VAL A 60 -14.96 -3.30 -7.11
N SER A 61 -15.99 -2.48 -7.02
CA SER A 61 -15.86 -1.19 -6.39
C SER A 61 -17.24 -0.81 -5.79
N VAL A 62 -17.27 0.29 -5.09
CA VAL A 62 -18.53 0.69 -4.43
C VAL A 62 -18.64 2.23 -4.48
N LEU A 63 -19.91 2.71 -4.56
CA LEU A 63 -20.15 4.16 -4.56
C LEU A 63 -21.40 4.38 -3.64
N ALA A 64 -21.30 5.14 -2.58
CA ALA A 64 -22.50 5.44 -1.77
C ALA A 64 -23.32 6.46 -2.53
N VAL A 65 -24.65 6.36 -2.41
CA VAL A 65 -25.46 7.37 -3.16
C VAL A 65 -26.26 8.21 -2.15
N LYS A 66 -26.46 7.79 -0.91
CA LYS A 66 -27.21 8.74 0.03
C LYS A 66 -26.84 8.25 1.40
N GLY A 67 -27.11 9.07 2.42
CA GLY A 67 -26.86 8.68 3.78
C GLY A 67 -25.50 9.19 4.26
N SER A 68 -24.96 8.55 5.28
CA SER A 68 -23.93 9.21 6.01
C SER A 68 -22.55 9.04 5.32
N LEU A 69 -22.47 8.34 4.16
CA LEU A 69 -21.22 8.19 3.37
C LEU A 69 -21.32 8.98 2.08
N ALA A 70 -22.38 9.77 1.98
CA ALA A 70 -22.60 10.55 0.71
C ALA A 70 -23.24 11.90 0.98
N PRO A 71 -22.47 12.89 1.44
CA PRO A 71 -21.03 12.90 1.75
C PRO A 71 -20.73 12.17 3.10
N ILE A 72 -19.50 11.69 3.25
CA ILE A 72 -18.95 11.13 4.53
C ILE A 72 -19.17 12.21 5.56
N SER A 73 -19.68 11.80 6.72
CA SER A 73 -20.16 12.78 7.69
C SER A 73 -19.63 12.35 9.04
N GLY A 74 -19.60 13.32 10.00
CA GLY A 74 -19.26 12.93 11.39
C GLY A 74 -17.85 12.29 11.44
N THR A 75 -17.74 11.24 12.22
CA THR A 75 -16.44 10.54 12.34
C THR A 75 -16.51 9.18 11.69
N VAL A 76 -17.44 8.95 10.73
CA VAL A 76 -17.57 7.63 10.11
C VAL A 76 -16.18 7.31 9.38
N GLN A 77 -15.57 6.17 9.70
CA GLN A 77 -14.22 5.79 9.16
C GLN A 77 -14.25 4.32 8.66
N SER A 78 -15.42 3.76 8.45
CA SER A 78 -15.53 2.38 7.99
C SER A 78 -16.94 2.13 7.40
N ALA A 79 -17.09 1.05 6.63
CA ALA A 79 -18.39 0.59 6.11
C ALA A 79 -18.20 -0.86 5.81
N HIS A 80 -19.28 -1.61 5.69
CA HIS A 80 -19.08 -3.05 5.33
C HIS A 80 -20.29 -3.56 4.64
N LEU A 81 -20.14 -4.66 3.91
CA LEU A 81 -21.30 -5.27 3.32
C LEU A 81 -20.98 -6.76 3.39
N ILE A 82 -21.92 -7.54 3.90
CA ILE A 82 -21.72 -9.04 3.87
C ILE A 82 -22.73 -9.67 2.94
N ILE A 83 -22.28 -10.43 1.97
CA ILE A 83 -23.22 -11.04 1.04
C ILE A 83 -23.25 -12.53 1.40
N ARG A 84 -24.41 -13.10 1.60
CA ARG A 84 -24.49 -14.50 2.02
C ARG A 84 -25.27 -15.27 0.98
N PHE A 85 -24.88 -16.54 0.84
CA PHE A 85 -25.46 -17.41 -0.19
C PHE A 85 -25.90 -18.73 0.41
N ASP A 86 -26.92 -19.34 -0.20
CA ASP A 86 -27.34 -20.66 0.28
C ASP A 86 -26.50 -21.78 -0.30
N GLU A 87 -26.94 -23.03 -0.05
CA GLU A 87 -26.11 -24.16 -0.46
C GLU A 87 -26.07 -24.39 -1.95
N ASN A 88 -26.96 -23.73 -2.68
CA ASN A 88 -26.85 -23.77 -4.14
C ASN A 88 -26.12 -22.54 -4.70
N GLY A 89 -25.55 -21.74 -3.83
CA GLY A 89 -24.76 -20.56 -4.28
C GLY A 89 -25.73 -19.40 -4.59
N VAL A 90 -27.01 -19.49 -4.15
CA VAL A 90 -28.00 -18.42 -4.51
C VAL A 90 -28.08 -17.41 -3.37
N LEU A 91 -28.12 -16.10 -3.67
CA LEU A 91 -28.24 -15.11 -2.55
C LEU A 91 -29.28 -15.41 -1.60
N LEU A 92 -28.99 -15.22 -0.30
N LEU A 92 -29.06 -15.20 -0.29
CA LEU A 92 -29.84 -15.71 0.77
CA LEU A 92 -30.18 -15.33 0.66
C LEU A 92 -31.21 -15.04 0.79
C LEU A 92 -31.20 -14.15 0.61
N ASN A 93 -31.25 -13.77 0.42
N ASN A 93 -32.42 -14.42 1.11
CA ASN A 93 -32.47 -13.02 0.47
CA ASN A 93 -33.21 -13.41 1.84
C ASN A 93 -32.08 -11.67 -0.13
C ASN A 93 -32.75 -12.00 1.75
N ASN A 94 -33.07 -10.80 -0.29
N ASN A 94 -33.21 -11.21 0.78
CA ASN A 94 -32.92 -9.53 -0.99
CA ASN A 94 -32.53 -9.95 0.62
C ASN A 94 -32.53 -8.49 -0.02
C ASN A 94 -31.18 -10.31 1.19
N SER A 95 -32.10 -9.02 1.12
N SER A 95 -30.13 -10.38 0.36
CA SER A 95 -31.45 -8.37 2.22
CA SER A 95 -28.92 -10.01 0.96
C SER A 95 -29.95 -8.28 1.92
C SER A 95 -29.16 -8.50 1.16
N PHE A 96 -29.52 -7.03 1.79
N PHE A 96 -28.33 -7.85 1.93
CA PHE A 96 -28.15 -6.47 1.71
CA PHE A 96 -28.23 -6.45 1.78
C PHE A 96 -27.61 -6.29 0.31
C PHE A 96 -27.87 -6.16 0.30
N LEU A 97 -27.95 -7.19 -0.58
CA LEU A 97 -27.65 -6.99 -2.03
C LEU A 97 -28.91 -7.34 -2.74
N ASP A 98 -29.31 -6.53 -3.71
CA ASP A 98 -30.66 -6.65 -4.34
C ASP A 98 -30.54 -7.77 -5.41
N PRO A 99 -31.33 -8.88 -5.30
CA PRO A 99 -31.25 -9.97 -6.31
C PRO A 99 -31.58 -9.50 -7.72
N GLU A 100 -32.27 -8.38 -8.00
CA GLU A 100 -32.43 -7.99 -9.45
C GLU A 100 -31.16 -7.46 -10.14
N TYR A 101 -30.14 -7.13 -9.36
CA TYR A 101 -28.84 -6.80 -9.99
C TYR A 101 -27.89 -7.85 -9.53
N TRP A 102 -28.31 -9.13 -9.48
CA TRP A 102 -27.24 -10.11 -9.23
C TRP A 102 -27.60 -11.33 -9.97
N ASN A 103 -26.97 -11.60 -11.11
CA ASN A 103 -27.40 -12.84 -11.79
C ASN A 103 -26.34 -13.22 -12.78
N PHE A 104 -26.47 -14.33 -13.49
CA PHE A 104 -25.46 -14.64 -14.59
C PHE A 104 -25.63 -13.66 -15.63
N ARG A 105 -24.59 -13.45 -16.41
CA ARG A 105 -24.70 -12.46 -17.46
C ARG A 105 -25.81 -12.94 -18.47
N ASN A 106 -26.70 -12.07 -18.91
CA ASN A 106 -27.80 -12.41 -19.84
C ASN A 106 -28.57 -13.66 -19.38
N GLY A 107 -28.71 -13.88 -18.07
CA GLY A 107 -29.15 -15.21 -17.64
C GLY A 107 -30.29 -15.10 -16.69
N ASP A 108 -30.95 -16.20 -16.48
CA ASP A 108 -31.85 -16.40 -15.36
C ASP A 108 -31.05 -17.36 -14.41
N LEU A 109 -31.61 -17.70 -13.25
CA LEU A 109 -31.00 -18.67 -12.29
C LEU A 109 -30.65 -20.06 -12.87
N THR A 110 -31.43 -20.53 -13.85
CA THR A 110 -31.21 -21.86 -14.49
C THR A 110 -30.24 -21.86 -15.75
N GLU A 111 -29.52 -20.76 -15.94
CA GLU A 111 -28.57 -20.62 -17.07
C GLU A 111 -27.16 -21.13 -16.70
N GLY A 112 -26.87 -21.21 -15.40
CA GLY A 112 -25.54 -21.52 -14.88
C GLY A 112 -25.68 -22.23 -13.54
N ASN A 113 -24.55 -22.51 -12.89
CA ASN A 113 -24.53 -23.18 -11.57
C ASN A 113 -23.79 -22.31 -10.61
N ALA A 114 -24.51 -21.76 -9.59
CA ALA A 114 -23.77 -20.74 -8.80
C ALA A 114 -22.74 -21.29 -7.81
N VAL A 115 -22.79 -22.61 -7.49
CA VAL A 115 -21.78 -23.19 -6.61
C VAL A 115 -20.36 -23.12 -7.22
N GLY A 116 -20.27 -23.13 -8.54
CA GLY A 116 -18.96 -22.95 -9.23
C GLY A 116 -18.36 -21.55 -9.00
N PHE A 117 -19.11 -20.59 -8.41
CA PHE A 117 -18.61 -19.24 -8.10
C PHE A 117 -18.38 -19.05 -6.60
N MET A 118 -18.72 -20.05 -5.80
CA MET A 118 -18.61 -19.82 -4.37
C MET A 118 -17.19 -20.05 -3.91
N PRO A 119 -16.76 -19.36 -2.81
CA PRO A 119 -15.44 -19.60 -2.20
C PRO A 119 -15.33 -21.03 -1.65
N ASN A 120 -14.26 -21.69 -2.06
CA ASN A 120 -13.99 -23.06 -1.69
C ASN A 120 -14.00 -23.22 -0.16
N LEU A 121 -14.80 -24.17 0.33
CA LEU A 121 -14.91 -24.31 1.79
C LEU A 121 -13.70 -24.98 2.43
N SER A 122 -12.96 -25.75 1.66
N SER A 122 -13.02 -25.86 1.72
CA SER A 122 -11.71 -26.25 2.23
CA SER A 122 -11.86 -26.52 2.38
C SER A 122 -10.63 -25.13 2.34
C SER A 122 -10.71 -25.53 2.59
N ALA A 123 -10.47 -24.30 1.31
N ALA A 123 -10.56 -24.57 1.65
CA ALA A 123 -9.56 -23.14 1.45
CA ALA A 123 -9.57 -23.48 1.78
C ALA A 123 -10.02 -22.12 2.49
C ALA A 123 -10.04 -22.36 2.73
N TYR A 124 -11.34 -21.93 2.64
CA TYR A 124 -11.84 -20.80 3.42
C TYR A 124 -13.04 -21.33 4.27
N PRO A 125 -12.73 -21.91 5.41
CA PRO A 125 -13.79 -22.71 6.07
C PRO A 125 -14.87 -21.80 6.72
N LYS A 126 -16.05 -22.43 6.87
N LYS A 126 -16.13 -22.20 6.76
CA LYS A 126 -17.19 -21.96 7.79
CA LYS A 126 -17.17 -21.30 7.38
C LYS A 126 -16.94 -22.53 9.16
C LYS A 126 -16.69 -20.66 8.75
N SER A 127 -16.23 -21.78 10.01
N SER A 127 -16.59 -19.27 8.97
CA SER A 127 -16.06 -22.20 11.40
CA SER A 127 -16.65 -18.79 10.31
C SER A 127 -15.85 -21.05 12.40
C SER A 127 -15.54 -17.93 10.66
N HIS A 128 -15.83 -21.40 13.68
N HIS A 128 -14.57 -18.78 10.57
CA HIS A 128 -15.76 -20.40 14.69
CA HIS A 128 -13.32 -18.67 10.06
C HIS A 128 -14.43 -19.74 14.57
C HIS A 128 -12.96 -17.43 9.29
N GLY A 129 -13.42 -20.46 14.15
N GLY A 129 -13.73 -16.36 9.40
CA GLY A 129 -12.12 -19.85 14.06
CA GLY A 129 -13.24 -15.04 8.92
C GLY A 129 -11.91 -18.75 13.03
C GLY A 129 -11.97 -14.62 9.57
N LYS A 130 -10.83 -18.01 13.23
N LYS A 130 -11.67 -15.24 10.69
CA LYS A 130 -10.47 -16.96 12.36
CA LYS A 130 -10.37 -14.94 11.25
C LYS A 130 -9.43 -17.56 11.45
C LYS A 130 -9.18 -15.88 10.85
N THR A 131 -9.38 -17.10 10.22
CA THR A 131 -8.40 -17.78 9.30
C THR A 131 -7.70 -16.68 8.47
N ALA A 132 -6.37 -16.45 8.60
CA ALA A 132 -5.69 -15.34 7.90
C ALA A 132 -5.94 -15.54 6.39
N LYS A 133 -5.85 -16.79 5.89
CA LYS A 133 -5.95 -16.98 4.41
C LYS A 133 -7.31 -16.75 3.78
N SER A 134 -8.33 -16.72 4.62
CA SER A 134 -9.71 -16.34 4.14
C SER A 134 -9.84 -14.81 3.88
N ASN A 135 -8.82 -14.01 4.21
CA ASN A 135 -8.90 -12.58 3.93
C ASN A 135 -8.04 -12.19 2.75
N ILE A 136 -8.50 -11.24 1.93
CA ILE A 136 -7.62 -10.65 0.96
C ILE A 136 -7.66 -9.18 1.29
N VAL A 137 -6.51 -8.56 1.54
CA VAL A 137 -6.56 -7.21 2.05
C VAL A 137 -5.75 -6.26 1.20
N SER A 138 -6.26 -5.09 0.84
CA SER A 138 -5.36 -4.21 0.04
C SER A 138 -5.92 -2.82 0.13
N GLN A 139 -5.24 -1.83 -0.38
CA GLN A 139 -5.74 -0.47 -0.30
C GLN A 139 -6.45 -0.19 -1.60
N VAL A 140 -7.54 0.56 -1.48
CA VAL A 140 -8.24 1.18 -2.66
C VAL A 140 -8.20 2.66 -2.36
N TYR A 141 -8.79 3.48 -3.18
CA TYR A 141 -8.55 4.92 -3.07
C TYR A 141 -9.85 5.63 -3.37
N LEU A 142 -10.19 6.59 -2.52
CA LEU A 142 -11.39 7.34 -2.74
C LEU A 142 -11.17 8.26 -3.92
N ASN A 143 -12.17 8.41 -4.78
CA ASN A 143 -12.17 9.25 -6.05
C ASN A 143 -11.05 8.75 -6.95
N GLY A 144 -10.51 7.53 -6.73
CA GLY A 144 -9.36 7.06 -7.60
C GLY A 144 -8.12 7.92 -7.30
N ASP A 145 -8.07 8.56 -6.12
CA ASP A 145 -6.98 9.55 -5.80
C ASP A 145 -5.97 8.88 -4.84
N LYS A 146 -4.72 8.68 -5.32
CA LYS A 146 -3.67 8.05 -4.52
CA LYS A 146 -3.64 8.10 -4.56
C LYS A 146 -3.43 8.69 -3.18
N THR A 147 -3.83 9.94 -2.95
CA THR A 147 -3.56 10.49 -1.66
C THR A 147 -4.72 10.17 -0.69
N LYS A 148 -5.77 9.44 -1.14
CA LYS A 148 -6.90 9.14 -0.16
C LYS A 148 -7.12 7.65 -0.03
N PRO A 149 -6.15 6.94 0.56
CA PRO A 149 -6.36 5.50 0.67
C PRO A 149 -7.48 5.08 1.63
N VAL A 150 -8.01 3.89 1.38
CA VAL A 150 -9.03 3.27 2.27
C VAL A 150 -8.67 1.78 2.24
N THR A 151 -8.55 1.09 3.38
CA THR A 151 -8.30 -0.33 3.30
C THR A 151 -9.52 -1.16 2.98
N LEU A 152 -9.38 -2.12 2.04
CA LEU A 152 -10.49 -3.05 1.77
C LEU A 152 -10.03 -4.41 2.21
N THR A 153 -10.79 -5.04 3.13
CA THR A 153 -10.55 -6.41 3.58
C THR A 153 -11.74 -7.22 3.02
N ILE A 154 -11.43 -8.18 2.13
CA ILE A 154 -12.45 -9.07 1.59
C ILE A 154 -12.29 -10.37 2.45
N THR A 155 -13.41 -10.90 2.97
CA THR A 155 -13.31 -12.15 3.78
C THR A 155 -14.22 -13.20 3.15
N LEU A 156 -13.74 -14.42 2.91
CA LEU A 156 -14.48 -15.41 2.18
C LEU A 156 -14.96 -16.41 3.26
N ASN A 157 -16.27 -16.69 3.25
CA ASN A 157 -16.92 -17.66 4.15
C ASN A 157 -16.63 -17.30 5.58
N GLY A 158 -16.59 -16.01 5.92
CA GLY A 158 -16.10 -15.66 7.26
C GLY A 158 -17.29 -15.57 8.22
N THR A 159 -18.44 -16.05 7.87
CA THR A 159 -19.60 -15.90 8.81
C THR A 159 -19.80 -17.27 9.42
N GLN A 160 -20.38 -17.36 10.59
CA GLN A 160 -20.86 -18.69 11.09
C GLN A 160 -22.06 -18.31 11.94
N GLU A 161 -23.25 -18.51 11.41
CA GLU A 161 -24.48 -18.00 12.00
C GLU A 161 -24.79 -18.89 13.20
N THR A 162 -25.12 -18.27 14.35
CA THR A 162 -25.56 -18.98 15.56
C THR A 162 -26.83 -18.28 16.10
N GLY A 163 -27.39 -18.82 17.18
CA GLY A 163 -28.63 -18.31 17.85
C GLY A 163 -29.75 -18.46 16.84
N ASP A 164 -30.49 -17.37 16.60
CA ASP A 164 -31.63 -17.42 15.66
C ASP A 164 -31.34 -16.81 14.28
N THR A 165 -30.10 -16.44 14.02
CA THR A 165 -29.71 -15.93 12.67
C THR A 165 -29.96 -17.00 11.61
N THR A 166 -30.51 -16.63 10.47
CA THR A 166 -30.70 -17.53 9.34
C THR A 166 -29.32 -17.97 8.83
N PRO A 167 -29.14 -19.28 8.69
CA PRO A 167 -27.79 -19.75 8.28
C PRO A 167 -27.49 -19.47 6.80
N SER A 168 -26.18 -19.41 6.47
CA SER A 168 -25.81 -19.37 5.05
C SER A 168 -24.74 -20.44 4.80
N ALA A 169 -24.65 -20.89 3.55
CA ALA A 169 -23.63 -21.87 3.26
C ALA A 169 -22.30 -21.17 2.87
N TYR A 170 -22.33 -19.98 2.24
CA TYR A 170 -21.09 -19.33 1.76
C TYR A 170 -21.28 -17.87 2.01
N SER A 171 -20.16 -17.10 2.06
CA SER A 171 -20.34 -15.66 2.16
C SER A 171 -19.14 -14.95 1.54
N MET A 172 -19.37 -13.69 1.14
CA MET A 172 -18.29 -12.81 0.74
C MET A 172 -18.52 -11.50 1.40
N SER A 173 -17.55 -11.05 2.23
CA SER A 173 -17.73 -9.78 2.98
CA SER A 173 -17.78 -9.77 2.89
C SER A 173 -16.73 -8.75 2.49
N PHE A 174 -17.15 -7.48 2.46
CA PHE A 174 -16.26 -6.40 2.03
C PHE A 174 -16.23 -5.43 3.20
N SER A 175 -15.08 -5.23 3.84
CA SER A 175 -15.00 -4.27 4.94
C SER A 175 -14.02 -3.18 4.55
N TRP A 176 -14.53 -1.95 4.46
CA TRP A 176 -13.70 -0.77 4.11
C TRP A 176 -13.36 -0.07 5.39
N ASP A 177 -12.12 0.37 5.55
CA ASP A 177 -11.78 1.02 6.78
C ASP A 177 -10.71 2.12 6.47
N TRP A 178 -10.91 3.33 6.98
CA TRP A 178 -9.98 4.38 6.71
C TRP A 178 -9.69 5.04 8.03
N SER A 179 -9.65 4.27 9.11
CA SER A 179 -9.26 4.78 10.42
C SER A 179 -8.13 5.75 10.40
N GLY A 180 -8.34 6.93 10.99
CA GLY A 180 -7.20 7.88 11.12
C GLY A 180 -7.19 8.88 9.99
N HIS A 181 -8.01 8.70 8.93
CA HIS A 181 -8.07 9.67 7.82
C HIS A 181 -9.39 10.39 7.95
N ASN A 182 -9.35 11.69 7.75
CA ASN A 182 -10.59 12.50 7.91
C ASN A 182 -11.04 12.86 6.55
N TYR A 183 -12.00 12.12 5.99
CA TYR A 183 -12.53 12.36 4.65
C TYR A 183 -13.91 13.00 4.63
N ILE A 184 -14.23 13.71 5.73
CA ILE A 184 -15.57 14.34 5.80
C ILE A 184 -15.77 15.30 4.60
N ASN A 185 -16.99 15.32 4.03
CA ASN A 185 -17.36 16.06 2.84
C ASN A 185 -17.02 15.30 1.47
N GLU A 186 -16.23 14.23 1.50
CA GLU A 186 -15.92 13.44 0.27
C GLU A 186 -17.11 12.54 0.08
N ILE A 187 -17.32 12.05 -1.14
CA ILE A 187 -18.35 11.03 -1.36
C ILE A 187 -17.61 9.68 -1.23
N PHE A 188 -18.18 8.67 -0.55
CA PHE A 188 -17.46 7.42 -0.47
C PHE A 188 -17.61 6.74 -1.81
N ALA A 189 -16.58 6.89 -2.65
CA ALA A 189 -16.65 6.31 -4.04
C ALA A 189 -15.20 5.76 -4.24
N THR A 190 -15.05 4.47 -4.45
CA THR A 190 -13.74 3.90 -4.51
C THR A 190 -13.28 3.60 -5.96
N SER A 191 -11.95 3.56 -6.09
CA SER A 191 -11.36 2.94 -7.24
C SER A 191 -11.76 1.45 -7.33
N SER A 192 -11.42 0.80 -8.47
CA SER A 192 -11.74 -0.56 -8.72
C SER A 192 -10.60 -1.47 -8.34
N TYR A 193 -10.92 -2.68 -7.91
CA TYR A 193 -9.89 -3.60 -7.37
C TYR A 193 -10.12 -4.97 -7.85
N THR A 194 -9.05 -5.66 -8.20
CA THR A 194 -9.15 -7.07 -8.68
C THR A 194 -8.61 -8.06 -7.66
N PHE A 195 -9.25 -9.22 -7.53
CA PHE A 195 -8.71 -10.28 -6.67
C PHE A 195 -9.19 -11.58 -7.28
N SER A 196 -8.69 -12.73 -6.77
CA SER A 196 -9.22 -14.00 -7.20
C SER A 196 -9.23 -14.91 -5.96
N TYR A 197 -9.96 -16.04 -6.07
CA TYR A 197 -10.01 -17.03 -4.99
C TYR A 197 -10.34 -18.37 -5.56
N ILE A 198 -10.12 -19.41 -4.77
CA ILE A 198 -10.37 -20.79 -5.20
C ILE A 198 -11.89 -20.99 -5.21
N ALA A 199 -12.40 -21.57 -6.30
CA ALA A 199 -13.82 -21.85 -6.38
C ALA A 199 -14.16 -23.17 -5.67
N GLN A 200 -15.39 -23.26 -5.19
CA GLN A 200 -15.86 -24.49 -4.50
C GLN A 200 -16.06 -25.69 -5.50
N GLU A 201 -16.45 -25.44 -6.75
CA GLU A 201 -16.61 -26.58 -7.71
C GLU A 201 -16.05 -26.05 -9.02
N LEU B 23 -8.21 -15.42 -25.72
CA LEU B 23 -7.26 -14.77 -26.69
C LEU B 23 -6.49 -13.63 -25.99
N THR B 24 -5.34 -13.29 -26.57
CA THR B 24 -4.39 -12.35 -25.97
C THR B 24 -4.12 -11.26 -27.00
N LEU B 25 -4.17 -10.02 -26.53
CA LEU B 25 -3.75 -8.81 -27.25
C LEU B 25 -2.57 -8.27 -26.47
N TRP B 26 -1.41 -8.11 -27.11
CA TRP B 26 -0.20 -7.77 -26.31
C TRP B 26 0.87 -7.03 -27.03
N THR B 27 1.86 -6.56 -26.27
CA THR B 27 3.08 -5.99 -26.86
C THR B 27 4.18 -7.04 -27.21
N THR B 28 3.89 -8.34 -27.09
CA THR B 28 4.83 -9.47 -26.97
C THR B 28 5.48 -9.47 -25.55
N PRO B 29 6.15 -10.57 -25.14
CA PRO B 29 6.65 -10.65 -23.73
C PRO B 29 7.89 -9.77 -23.53
N ALA B 30 8.63 -9.49 -24.62
CA ALA B 30 9.86 -8.69 -24.48
C ALA B 30 9.90 -7.63 -25.63
N PRO B 31 9.07 -6.55 -25.61
CA PRO B 31 9.12 -5.72 -26.82
C PRO B 31 10.42 -4.84 -26.92
N SER B 32 10.81 -4.43 -28.12
CA SER B 32 11.75 -3.29 -28.28
C SER B 32 11.10 -2.00 -27.84
N PRO B 33 11.87 -0.90 -27.78
CA PRO B 33 11.25 0.39 -27.39
C PRO B 33 10.01 0.66 -28.17
N ASN B 34 8.85 0.88 -27.52
CA ASN B 34 7.60 0.82 -28.25
C ASN B 34 6.60 1.91 -27.76
N CYS B 35 7.06 2.83 -26.93
CA CYS B 35 6.17 3.84 -26.47
C CYS B 35 6.88 5.12 -26.09
N ARG B 36 6.10 6.21 -25.99
CA ARG B 36 6.68 7.51 -25.70
C ARG B 36 6.14 8.02 -24.40
N LEU B 37 7.04 8.16 -23.42
CA LEU B 37 6.63 8.83 -22.16
C LEU B 37 6.91 10.33 -22.30
N ASN B 38 8.04 10.70 -22.94
CA ASN B 38 8.36 12.10 -23.13
C ASN B 38 8.91 12.31 -24.53
N ALA B 39 9.61 11.31 -25.08
CA ALA B 39 10.13 11.42 -26.46
C ALA B 39 9.89 10.12 -27.22
N GLU B 40 9.93 10.19 -28.53
CA GLU B 40 9.71 8.99 -29.33
C GLU B 40 10.51 7.79 -28.85
N LYS B 41 9.82 6.67 -28.81
CA LYS B 41 10.48 5.39 -28.42
C LYS B 41 11.43 5.52 -27.22
N ASP B 42 11.03 6.24 -26.20
CA ASP B 42 11.92 6.38 -25.01
C ASP B 42 11.66 5.32 -23.89
N ALA B 43 10.81 4.34 -24.17
CA ALA B 43 10.60 3.34 -23.12
C ALA B 43 10.02 2.00 -23.70
N LYS B 44 10.09 0.91 -22.92
CA LYS B 44 9.52 -0.36 -23.37
C LYS B 44 8.31 -0.60 -22.39
N LEU B 45 7.08 -0.68 -22.92
CA LEU B 45 5.90 -0.99 -22.12
C LEU B 45 5.60 -2.47 -22.42
N THR B 46 5.64 -3.36 -21.41
CA THR B 46 5.24 -4.73 -21.66
C THR B 46 3.76 -4.73 -21.09
N LEU B 47 2.79 -5.02 -21.97
CA LEU B 47 1.36 -5.02 -21.55
C LEU B 47 0.70 -6.19 -22.20
N VAL B 48 0.06 -7.08 -21.40
CA VAL B 48 -0.57 -8.26 -21.96
C VAL B 48 -2.06 -8.23 -21.50
N LEU B 49 -2.98 -8.34 -22.46
CA LEU B 49 -4.45 -8.34 -22.14
C LEU B 49 -4.94 -9.70 -22.53
N THR B 50 -5.47 -10.49 -21.58
CA THR B 50 -6.00 -11.79 -21.92
C THR B 50 -7.48 -11.77 -21.64
N LYS B 51 -8.28 -12.18 -22.59
CA LYS B 51 -9.72 -12.01 -22.41
C LYS B 51 -10.25 -13.26 -21.67
N CYS B 52 -10.82 -13.06 -20.50
CA CYS B 52 -11.45 -14.15 -19.71
C CYS B 52 -12.93 -13.88 -19.68
N GLY B 53 -13.57 -14.05 -20.84
CA GLY B 53 -15.03 -13.81 -20.98
C GLY B 53 -15.32 -12.33 -20.77
N SER B 54 -16.10 -12.03 -19.74
CA SER B 54 -16.52 -10.63 -19.46
C SER B 54 -15.41 -9.79 -18.84
N GLN B 55 -14.29 -10.36 -18.43
CA GLN B 55 -13.23 -9.58 -17.85
C GLN B 55 -11.93 -9.74 -18.66
N ILE B 56 -11.12 -8.69 -18.68
CA ILE B 56 -9.75 -8.75 -19.23
C ILE B 56 -8.81 -8.90 -18.08
N LEU B 57 -7.95 -9.91 -18.13
CA LEU B 57 -6.89 -10.03 -17.13
C LEU B 57 -5.63 -9.42 -17.71
N ALA B 58 -4.95 -8.53 -16.95
CA ALA B 58 -3.84 -7.80 -17.59
C ALA B 58 -2.63 -7.83 -16.71
N THR B 59 -1.44 -7.76 -17.34
CA THR B 59 -0.17 -7.68 -16.53
C THR B 59 0.62 -6.56 -17.26
N VAL B 60 1.32 -5.70 -16.53
CA VAL B 60 1.95 -4.52 -17.14
C VAL B 60 3.27 -4.24 -16.43
N SER B 61 4.28 -3.73 -17.16
CA SER B 61 5.38 -3.09 -16.46
C SER B 61 5.95 -2.07 -17.51
N VAL B 62 6.87 -1.20 -17.06
CA VAL B 62 7.47 -0.26 -18.03
C VAL B 62 8.98 -0.13 -17.67
N LEU B 63 9.82 0.21 -18.68
CA LEU B 63 11.24 0.42 -18.40
C LEU B 63 11.59 1.60 -19.36
N ALA B 64 12.10 2.69 -18.81
CA ALA B 64 12.53 3.80 -19.64
C ALA B 64 13.90 3.42 -20.24
N VAL B 65 14.14 3.77 -21.51
CA VAL B 65 15.46 3.38 -22.07
C VAL B 65 16.32 4.63 -22.35
N LYS B 66 15.72 5.81 -22.47
CA LYS B 66 16.55 7.03 -22.74
C LYS B 66 15.76 8.16 -22.21
N GLY B 67 16.47 9.24 -21.96
CA GLY B 67 15.80 10.50 -21.69
C GLY B 67 15.76 10.70 -20.18
N SER B 68 14.84 11.56 -19.75
CA SER B 68 14.88 12.15 -18.44
C SER B 68 14.41 11.14 -17.36
N LEU B 69 14.03 9.92 -17.74
CA LEU B 69 13.73 8.86 -16.76
C LEU B 69 14.77 7.73 -16.81
N ALA B 70 15.88 7.92 -17.57
CA ALA B 70 16.84 6.91 -17.64
C ALA B 70 18.24 7.55 -17.81
N PRO B 71 18.84 8.03 -16.70
CA PRO B 71 18.39 7.92 -15.32
C PRO B 71 17.41 9.03 -14.99
N ILE B 72 16.56 8.78 -13.99
CA ILE B 72 15.73 9.82 -13.48
C ILE B 72 16.57 11.07 -13.13
N SER B 73 16.09 12.26 -13.45
CA SER B 73 16.97 13.40 -13.49
C SER B 73 16.13 14.55 -12.93
N GLY B 74 16.83 15.61 -12.56
CA GLY B 74 16.13 16.79 -11.94
C GLY B 74 15.05 16.43 -10.87
N THR B 75 13.88 17.06 -10.93
CA THR B 75 12.80 16.83 -9.94
C THR B 75 11.66 16.07 -10.59
N VAL B 76 11.93 15.37 -11.70
CA VAL B 76 10.92 14.49 -12.28
C VAL B 76 10.35 13.48 -11.22
N GLN B 77 9.04 13.51 -11.00
CA GLN B 77 8.38 12.63 -9.96
C GLN B 77 7.14 12.01 -10.55
N SER B 78 7.03 11.97 -11.90
CA SER B 78 5.81 11.34 -12.50
C SER B 78 6.09 11.04 -13.97
N ALA B 79 5.32 10.12 -14.53
CA ALA B 79 5.36 9.92 -16.00
C ALA B 79 3.95 9.46 -16.41
N HIS B 80 3.61 9.46 -17.70
CA HIS B 80 2.28 8.86 -17.99
C HIS B 80 2.30 8.41 -19.39
N LEU B 81 1.36 7.54 -19.75
CA LEU B 81 1.16 7.15 -21.18
C LEU B 81 -0.36 6.94 -21.40
N ILE B 82 -0.93 7.52 -22.46
CA ILE B 82 -2.38 7.33 -22.73
C ILE B 82 -2.45 6.61 -24.06
N ILE B 83 -3.05 5.45 -24.03
CA ILE B 83 -3.23 4.66 -25.23
C ILE B 83 -4.70 4.85 -25.71
N ARG B 84 -4.91 5.29 -26.93
CA ARG B 84 -6.28 5.57 -27.41
C ARG B 84 -6.62 4.63 -28.49
N PHE B 85 -7.90 4.25 -28.60
CA PHE B 85 -8.36 3.34 -29.60
C PHE B 85 -9.63 3.92 -30.26
N ASP B 86 -9.89 3.42 -31.47
CA ASP B 86 -11.03 3.93 -32.26
C ASP B 86 -12.25 3.06 -31.94
N GLU B 87 -13.37 3.23 -32.69
CA GLU B 87 -14.57 2.57 -32.34
C GLU B 87 -14.48 1.07 -32.57
N ASN B 88 -13.44 0.61 -33.28
CA ASN B 88 -13.25 -0.85 -33.48
C ASN B 88 -12.18 -1.39 -32.55
N GLY B 89 -11.75 -0.60 -31.56
CA GLY B 89 -10.72 -1.17 -30.61
C GLY B 89 -9.31 -1.14 -31.21
N VAL B 90 -9.13 -0.41 -32.31
CA VAL B 90 -7.78 -0.38 -32.97
C VAL B 90 -7.06 0.86 -32.55
N LEU B 91 -5.72 0.77 -32.32
CA LEU B 91 -4.98 1.94 -31.84
C LEU B 91 -5.18 3.09 -32.74
N LEU B 92 -5.33 4.28 -32.19
CA LEU B 92 -5.58 5.41 -33.10
C LEU B 92 -4.46 5.81 -34.03
N ASN B 93 -3.25 5.63 -33.56
N ASN B 93 -3.22 5.41 -33.77
CA ASN B 93 -2.12 5.75 -34.44
CA ASN B 93 -2.18 5.62 -34.81
C ASN B 93 -0.88 5.44 -33.65
C ASN B 93 -1.55 7.02 -34.73
N ASN B 94 0.22 5.52 -34.39
N ASN B 94 -0.22 7.04 -34.70
CA ASN B 94 1.53 5.14 -33.97
CA ASN B 94 0.49 7.89 -33.72
C ASN B 94 2.18 6.18 -33.13
C ASN B 94 -0.35 8.13 -32.47
N SER B 95 1.42 7.18 -32.76
N SER B 95 -1.10 7.13 -32.07
CA SER B 95 1.97 8.28 -31.96
CA SER B 95 -1.45 7.03 -30.65
C SER B 95 2.58 7.91 -30.60
C SER B 95 -0.28 6.33 -30.07
N PHE B 96 1.90 7.03 -29.88
N PHE B 96 0.65 7.15 -29.46
CA PHE B 96 2.25 6.93 -28.42
CA PHE B 96 1.88 6.95 -28.52
C PHE B 96 2.59 5.50 -27.97
C PHE B 96 2.52 5.58 -28.12
N LEU B 97 1.86 4.53 -28.51
CA LEU B 97 2.30 3.16 -28.37
C LEU B 97 2.49 2.70 -29.80
N ASP B 98 3.62 2.07 -30.12
CA ASP B 98 3.91 1.68 -31.52
C ASP B 98 3.03 0.50 -31.95
N PRO B 99 2.21 0.66 -33.05
CA PRO B 99 1.33 -0.46 -33.47
C PRO B 99 2.05 -1.70 -33.98
N GLU B 100 3.32 -1.61 -34.31
CA GLU B 100 4.09 -2.85 -34.54
C GLU B 100 4.28 -3.74 -33.32
N TYR B 101 4.38 -3.20 -32.11
CA TYR B 101 4.39 -4.11 -31.00
C TYR B 101 3.00 -4.17 -30.38
N TRP B 102 1.95 -4.33 -31.20
CA TRP B 102 0.63 -4.36 -30.59
C TRP B 102 -0.29 -5.17 -31.38
N ASN B 103 -0.44 -6.42 -31.04
CA ASN B 103 -1.26 -7.28 -31.83
C ASN B 103 -1.77 -8.47 -31.09
N PHE B 104 -2.68 -9.18 -31.71
CA PHE B 104 -3.16 -10.43 -31.09
C PHE B 104 -2.06 -11.44 -31.09
N ARG B 105 -2.09 -12.38 -30.17
CA ARG B 105 -0.99 -13.30 -30.04
C ARG B 105 -1.04 -14.15 -31.34
N ALA B 114 -11.26 -6.00 -32.02
CA ALA B 114 -10.62 -5.79 -30.70
C ALA B 114 -11.55 -5.17 -29.65
N VAL B 115 -12.81 -4.94 -29.96
CA VAL B 115 -13.71 -4.33 -28.95
C VAL B 115 -13.85 -5.29 -27.76
N GLY B 116 -13.69 -6.58 -27.98
CA GLY B 116 -13.75 -7.55 -26.88
C GLY B 116 -12.61 -7.33 -25.84
N PHE B 117 -11.60 -6.48 -26.12
CA PHE B 117 -10.54 -6.16 -25.13
C PHE B 117 -10.65 -4.71 -24.64
N MET B 118 -11.68 -3.99 -25.07
CA MET B 118 -11.78 -2.57 -24.70
C MET B 118 -12.50 -2.49 -23.34
N PRO B 119 -12.17 -1.46 -22.56
CA PRO B 119 -12.77 -1.28 -21.22
C PRO B 119 -14.25 -0.85 -21.46
N ASN B 120 -15.09 -1.54 -20.75
CA ASN B 120 -16.56 -1.38 -20.82
C ASN B 120 -17.01 0.05 -20.64
N LEU B 121 -17.76 0.61 -21.59
CA LEU B 121 -18.10 2.04 -21.46
C LEU B 121 -19.24 2.23 -20.43
N SER B 122 -20.07 1.21 -20.17
CA SER B 122 -21.16 1.40 -19.16
C SER B 122 -20.45 1.55 -17.78
N ALA B 123 -19.47 0.66 -17.55
CA ALA B 123 -18.79 0.66 -16.24
C ALA B 123 -17.78 1.86 -16.11
N TYR B 124 -17.09 2.20 -17.22
CA TYR B 124 -16.03 3.26 -17.20
C TYR B 124 -16.37 4.30 -18.31
N PRO B 125 -17.20 5.28 -17.97
CA PRO B 125 -17.84 6.08 -19.03
C PRO B 125 -16.80 7.06 -19.68
N LYS B 126 -16.87 7.15 -20.99
N LYS B 126 -17.09 7.52 -20.86
CA LYS B 126 -15.82 7.92 -21.73
CA LYS B 126 -16.36 8.64 -21.41
C LYS B 126 -15.74 9.38 -21.22
C LYS B 126 -17.19 9.87 -21.20
N SER B 127 -14.51 9.84 -20.88
N SER B 127 -16.83 10.70 -20.23
CA SER B 127 -14.28 11.24 -20.57
CA SER B 127 -17.62 11.89 -19.93
C SER B 127 -14.54 11.54 -19.13
C SER B 127 -16.76 13.02 -19.41
N HIS B 128 -14.51 10.50 -18.34
N HIS B 128 -17.31 14.21 -19.27
CA HIS B 128 -14.90 10.56 -16.97
CA HIS B 128 -16.53 15.25 -18.62
C HIS B 128 -13.87 9.82 -16.13
C HIS B 128 -16.23 14.95 -17.15
N GLY B 129 -12.64 9.99 -16.48
N GLY B 129 -17.05 14.18 -16.45
CA GLY B 129 -11.53 9.45 -15.75
CA GLY B 129 -16.82 13.92 -15.04
C GLY B 129 -11.41 10.01 -14.39
C GLY B 129 -15.66 12.95 -14.76
N LYS B 130 -12.15 11.09 -14.12
N LYS B 130 -14.85 13.25 -13.76
CA LYS B 130 -12.21 11.46 -12.72
CA LYS B 130 -13.92 12.25 -13.25
C LYS B 130 -13.29 10.67 -11.88
C LYS B 130 -14.77 11.17 -12.62
N THR B 131 -14.24 9.95 -12.51
CA THR B 131 -15.07 8.86 -11.84
C THR B 131 -14.20 7.89 -11.14
N ALA B 132 -14.41 7.70 -9.86
CA ALA B 132 -13.49 6.94 -9.03
C ALA B 132 -13.36 5.56 -9.65
N LYS B 133 -14.49 4.94 -10.02
CA LYS B 133 -14.49 3.53 -10.43
C LYS B 133 -13.66 3.28 -11.78
N SER B 134 -13.50 4.30 -12.56
CA SER B 134 -12.66 4.20 -13.79
C SER B 134 -11.16 4.14 -13.50
N ASN B 135 -10.76 4.18 -12.23
CA ASN B 135 -9.34 4.11 -11.87
C ASN B 135 -9.02 2.87 -11.10
N ILE B 136 -7.88 2.26 -11.42
CA ILE B 136 -7.37 1.17 -10.57
C ILE B 136 -6.01 1.69 -10.09
N VAL B 137 -5.82 1.77 -8.76
CA VAL B 137 -4.66 2.43 -8.24
C VAL B 137 -3.90 1.48 -7.35
N SER B 138 -2.59 1.40 -7.48
CA SER B 138 -1.83 0.50 -6.61
C SER B 138 -0.36 0.93 -6.59
N GLN B 139 0.45 0.39 -5.66
CA GLN B 139 1.85 0.81 -5.71
CA GLN B 139 1.85 0.73 -5.62
C GLN B 139 2.60 -0.30 -6.45
N VAL B 140 3.54 0.14 -7.29
CA VAL B 140 4.50 -0.80 -7.91
C VAL B 140 5.89 -0.32 -7.41
N TYR B 141 7.00 -0.97 -7.79
CA TYR B 141 8.28 -0.68 -7.08
C TYR B 141 9.42 -0.59 -8.07
N LEU B 142 10.21 0.48 -7.95
CA LEU B 142 11.33 0.67 -8.79
C LEU B 142 12.33 -0.43 -8.55
N ASN B 143 12.93 -0.96 -9.60
CA ASN B 143 13.94 -2.09 -9.52
C ASN B 143 13.35 -3.26 -8.77
N GLY B 144 12.02 -3.37 -8.67
CA GLY B 144 11.44 -4.52 -7.86
C GLY B 144 11.84 -4.43 -6.38
N ASP B 145 12.20 -3.22 -5.90
CA ASP B 145 12.75 -3.05 -4.51
C ASP B 145 11.61 -2.41 -3.70
N LYS B 146 11.19 -3.13 -2.70
CA LYS B 146 10.11 -2.74 -1.78
C LYS B 146 10.35 -1.42 -1.05
N THR B 147 11.57 -0.89 -1.02
CA THR B 147 11.81 0.44 -0.39
C THR B 147 11.65 1.58 -1.39
N LYS B 148 11.35 1.27 -2.64
CA LYS B 148 11.24 2.38 -3.70
C LYS B 148 9.85 2.31 -4.35
N PRO B 149 8.80 2.63 -3.57
CA PRO B 149 7.50 2.63 -4.20
C PRO B 149 7.24 3.71 -5.22
N VAL B 150 6.30 3.40 -6.12
CA VAL B 150 5.88 4.33 -7.13
C VAL B 150 4.33 4.04 -7.27
N THR B 151 3.49 5.07 -7.27
CA THR B 151 2.08 4.73 -7.44
C THR B 151 1.72 4.62 -8.87
N LEU B 152 0.91 3.65 -9.22
CA LEU B 152 0.49 3.53 -10.61
C LEU B 152 -1.08 3.68 -10.59
N THR B 153 -1.55 4.70 -11.31
CA THR B 153 -3.01 4.94 -11.50
C THR B 153 -3.29 4.56 -12.92
N ILE B 154 -4.10 3.53 -13.08
CA ILE B 154 -4.60 3.19 -14.43
C ILE B 154 -5.99 3.75 -14.62
N THR B 155 -6.24 4.53 -15.70
CA THR B 155 -7.58 5.14 -15.85
C THR B 155 -8.18 4.59 -17.14
N LEU B 156 -9.45 4.16 -17.11
CA LEU B 156 -10.06 3.52 -18.29
C LEU B 156 -11.04 4.52 -18.87
N ASN B 157 -10.94 4.72 -20.20
CA ASN B 157 -11.82 5.65 -20.96
C ASN B 157 -11.86 7.06 -20.41
N GLY B 158 -10.73 7.55 -19.89
CA GLY B 158 -10.72 8.82 -19.12
C GLY B 158 -10.54 10.01 -20.10
N THR B 159 -10.45 9.83 -21.38
CA THR B 159 -10.07 11.05 -22.23
C THR B 159 -11.28 11.65 -22.93
N GLN B 160 -11.26 12.97 -23.24
CA GLN B 160 -12.36 13.61 -24.00
C GLN B 160 -11.62 14.42 -25.08
N GLU B 161 -12.02 14.28 -26.33
CA GLU B 161 -11.37 15.02 -27.47
C GLU B 161 -12.44 15.98 -27.98
N THR B 162 -12.02 17.24 -28.25
CA THR B 162 -12.96 18.25 -28.80
C THR B 162 -12.39 18.94 -30.08
N GLY B 163 -13.13 19.93 -30.58
CA GLY B 163 -12.80 20.67 -31.81
C GLY B 163 -12.48 19.73 -32.97
N ASP B 164 -11.30 19.97 -33.54
CA ASP B 164 -10.70 19.22 -34.66
C ASP B 164 -10.05 17.86 -34.27
N THR B 165 -9.79 17.63 -32.98
CA THR B 165 -9.11 16.37 -32.51
C THR B 165 -9.94 15.14 -32.91
N THR B 166 -9.32 14.19 -33.65
CA THR B 166 -9.92 12.87 -33.94
C THR B 166 -10.30 12.22 -32.58
N PRO B 167 -11.61 11.79 -32.42
CA PRO B 167 -11.89 11.24 -31.04
C PRO B 167 -11.40 9.78 -30.89
N SER B 168 -11.18 9.38 -29.67
CA SER B 168 -10.93 8.02 -29.41
C SER B 168 -12.35 7.50 -28.92
N ALA B 169 -12.67 6.26 -29.16
CA ALA B 169 -13.84 5.69 -28.54
C ALA B 169 -13.46 5.11 -27.15
N TYR B 170 -12.21 4.62 -27.00
CA TYR B 170 -11.83 3.91 -25.77
C TYR B 170 -10.40 4.39 -25.43
N SER B 171 -10.04 4.31 -24.15
CA SER B 171 -8.62 4.58 -23.87
C SER B 171 -8.17 3.83 -22.62
N MET B 172 -6.84 3.69 -22.47
CA MET B 172 -6.34 3.12 -21.27
C MET B 172 -5.11 3.99 -20.93
N SER B 173 -5.08 4.61 -19.75
N SER B 173 -5.11 4.56 -19.72
CA SER B 173 -3.87 5.40 -19.48
CA SER B 173 -4.06 5.50 -19.33
C SER B 173 -3.24 5.08 -18.15
C SER B 173 -3.24 4.86 -18.19
N PHE B 174 -1.93 5.09 -18.19
CA PHE B 174 -1.09 4.67 -17.05
C PHE B 174 -0.45 5.95 -16.52
N SER B 175 -0.66 6.30 -15.23
CA SER B 175 0.04 7.46 -14.68
C SER B 175 0.83 7.00 -13.50
N TRP B 176 2.15 7.14 -13.58
CA TRP B 176 3.07 6.75 -12.51
C TRP B 176 3.42 7.98 -11.69
N ASP B 177 3.45 7.86 -10.37
CA ASP B 177 3.70 9.07 -9.60
C ASP B 177 4.47 8.70 -8.39
N TRP B 178 5.60 9.42 -8.08
CA TRP B 178 6.31 9.10 -6.82
C TRP B 178 6.60 10.37 -6.13
N SER B 179 5.61 11.30 -6.13
CA SER B 179 5.76 12.61 -5.46
C SER B 179 6.36 12.49 -4.07
N GLY B 180 7.38 13.27 -3.78
CA GLY B 180 7.99 13.24 -2.43
C GLY B 180 9.14 12.25 -2.31
N HIS B 181 9.34 11.35 -3.28
CA HIS B 181 10.50 10.45 -3.28
C HIS B 181 11.56 10.98 -4.20
N ASN B 182 12.81 11.00 -3.76
CA ASN B 182 13.90 11.49 -4.59
C ASN B 182 14.66 10.30 -5.15
N TYR B 183 14.35 9.91 -6.37
CA TYR B 183 14.95 8.76 -7.02
C TYR B 183 15.95 9.17 -8.10
N ILE B 184 16.47 10.39 -7.97
CA ILE B 184 17.41 10.82 -9.03
C ILE B 184 18.60 9.78 -9.12
N ASN B 185 19.06 9.49 -10.34
CA ASN B 185 20.12 8.53 -10.68
C ASN B 185 19.57 7.12 -10.82
N GLU B 186 18.34 6.83 -10.36
CA GLU B 186 17.76 5.46 -10.63
C GLU B 186 17.26 5.38 -12.04
N ILE B 187 17.10 4.16 -12.59
CA ILE B 187 16.53 4.03 -13.91
C ILE B 187 15.01 3.84 -13.65
N PHE B 188 14.12 4.54 -14.36
CA PHE B 188 12.68 4.29 -14.13
C PHE B 188 12.34 2.88 -14.68
N ALA B 189 12.31 1.83 -13.83
CA ALA B 189 12.07 0.39 -14.31
C ALA B 189 11.19 -0.18 -13.19
N THR B 190 9.98 -0.58 -13.50
CA THR B 190 9.09 -1.01 -12.46
C THR B 190 8.93 -2.50 -12.39
N SER B 191 8.52 -2.95 -11.21
CA SER B 191 7.99 -4.28 -11.05
C SER B 191 6.76 -4.50 -11.91
N SER B 192 6.38 -5.77 -12.06
CA SER B 192 5.20 -6.07 -12.88
C SER B 192 3.91 -6.10 -11.98
N TYR B 193 2.79 -5.80 -12.62
CA TYR B 193 1.57 -5.62 -11.75
C TYR B 193 0.42 -6.21 -12.54
N THR B 194 -0.53 -6.85 -11.84
CA THR B 194 -1.70 -7.41 -12.53
C THR B 194 -2.98 -6.65 -12.17
N PHE B 195 -3.90 -6.55 -13.13
CA PHE B 195 -5.22 -5.94 -12.77
C PHE B 195 -6.18 -6.57 -13.72
N SER B 196 -7.49 -6.30 -13.50
CA SER B 196 -8.48 -6.74 -14.49
C SER B 196 -9.50 -5.67 -14.64
N TYR B 197 -10.30 -5.76 -15.69
CA TYR B 197 -11.38 -4.74 -15.85
C TYR B 197 -12.48 -5.41 -16.67
N ILE B 198 -13.70 -4.83 -16.65
CA ILE B 198 -14.79 -5.40 -17.45
C ILE B 198 -14.57 -5.05 -18.90
N ALA B 199 -14.81 -6.03 -19.78
CA ALA B 199 -14.64 -5.85 -21.20
C ALA B 199 -15.93 -5.23 -21.82
N GLN B 200 -15.76 -4.48 -22.90
CA GLN B 200 -16.91 -3.81 -23.59
C GLN B 200 -17.83 -4.85 -24.23
N GLU B 201 -17.22 -5.89 -24.77
CA GLU B 201 -18.09 -6.97 -25.28
C GLU B 201 -17.58 -8.33 -24.78
N ASP C 21 -8.35 -27.92 -14.50
CA ASP C 21 -8.54 -29.10 -15.43
C ASP C 21 -7.24 -29.96 -15.41
N LYS C 22 -6.54 -30.00 -16.57
CA LYS C 22 -5.07 -29.98 -16.66
C LYS C 22 -4.65 -28.48 -16.75
N LEU C 23 -5.62 -27.60 -16.50
CA LEU C 23 -5.46 -26.11 -16.53
C LEU C 23 -5.20 -25.58 -15.08
N THR C 24 -5.15 -26.45 -14.05
CA THR C 24 -4.70 -26.02 -12.71
C THR C 24 -3.56 -26.86 -12.21
N LEU C 25 -2.55 -26.19 -11.66
CA LEU C 25 -1.41 -26.88 -11.05
C LEU C 25 -1.34 -26.28 -9.66
N TRP C 26 -1.40 -27.09 -8.58
CA TRP C 26 -1.61 -26.51 -7.24
C TRP C 26 -1.11 -27.38 -6.12
N THR C 27 -1.09 -26.83 -4.94
CA THR C 27 -0.87 -27.54 -3.69
C THR C 27 -2.15 -28.17 -3.06
N THR C 28 -3.28 -28.12 -3.76
CA THR C 28 -4.65 -28.42 -3.26
C THR C 28 -5.07 -27.14 -2.47
N PRO C 29 -6.38 -27.03 -2.18
CA PRO C 29 -6.92 -25.77 -1.51
C PRO C 29 -6.49 -25.76 -0.06
N ALA C 30 -6.09 -26.94 0.47
CA ALA C 30 -5.83 -27.10 1.93
C ALA C 30 -4.68 -28.07 2.21
N PRO C 31 -3.46 -27.68 1.87
CA PRO C 31 -2.36 -28.64 1.99
C PRO C 31 -1.96 -28.92 3.45
N SER C 32 -1.39 -30.10 3.71
CA SER C 32 -0.67 -30.45 4.99
C SER C 32 0.63 -29.71 4.94
N PRO C 33 1.43 -29.77 6.01
CA PRO C 33 2.67 -28.94 5.91
C PRO C 33 3.45 -29.47 4.78
N ASN C 34 3.85 -28.59 3.88
CA ASN C 34 4.35 -29.04 2.59
C ASN C 34 5.59 -28.24 2.18
N CYS C 35 6.10 -27.36 3.03
CA CYS C 35 7.25 -26.63 2.54
C CYS C 35 8.21 -26.30 3.69
N ARG C 36 9.41 -25.86 3.33
CA ARG C 36 10.44 -25.59 4.33
C ARG C 36 10.81 -24.14 4.21
N LEU C 37 10.59 -23.34 5.26
CA LEU C 37 10.99 -21.93 5.22
C LEU C 37 12.32 -21.84 5.94
N ASN C 38 12.49 -22.61 7.03
CA ASN C 38 13.79 -22.69 7.73
CA ASN C 38 13.78 -22.70 7.77
C ASN C 38 14.10 -24.18 8.04
N ALA C 39 13.10 -24.99 8.44
CA ALA C 39 13.32 -26.47 8.73
C ALA C 39 12.27 -27.30 7.99
N GLU C 40 12.49 -28.58 7.88
CA GLU C 40 11.59 -29.46 7.13
C GLU C 40 10.09 -29.31 7.52
N LYS C 41 9.26 -29.24 6.49
CA LYS C 41 7.80 -29.19 6.72
C LYS C 41 7.41 -28.22 7.87
N ASP C 42 8.05 -27.04 7.90
CA ASP C 42 7.68 -26.07 8.95
C ASP C 42 6.56 -25.08 8.53
N ALA C 43 6.04 -25.21 7.30
CA ALA C 43 4.97 -24.31 6.83
C ALA C 43 4.00 -24.97 5.83
N LYS C 44 2.83 -24.35 5.64
CA LYS C 44 1.84 -24.82 4.68
C LYS C 44 1.82 -23.69 3.65
N LEU C 45 2.21 -23.98 2.43
CA LEU C 45 2.08 -22.97 1.31
C LEU C 45 0.83 -23.37 0.51
N THR C 46 -0.13 -22.46 0.35
CA THR C 46 -1.22 -22.70 -0.53
C THR C 46 -0.92 -21.91 -1.78
N LEU C 47 -0.88 -22.57 -2.95
CA LEU C 47 -0.45 -21.89 -4.15
C LEU C 47 -1.23 -22.55 -5.27
N VAL C 48 -1.98 -21.74 -5.99
CA VAL C 48 -2.83 -22.25 -7.08
C VAL C 48 -2.48 -21.50 -8.38
N LEU C 49 -2.11 -22.25 -9.46
CA LEU C 49 -1.76 -21.60 -10.75
C LEU C 49 -2.86 -22.05 -11.69
N THR C 50 -3.61 -21.14 -12.29
CA THR C 50 -4.61 -21.54 -13.29
C THR C 50 -4.28 -20.96 -14.63
N LYS C 51 -4.21 -21.81 -15.66
CA LYS C 51 -3.69 -21.28 -16.95
C LYS C 51 -4.86 -20.58 -17.64
N CYS C 52 -4.69 -19.29 -17.98
CA CYS C 52 -5.68 -18.49 -18.73
C CYS C 52 -4.99 -18.12 -20.09
N GLY C 53 -4.80 -19.11 -20.96
CA GLY C 53 -4.10 -18.87 -22.26
C GLY C 53 -2.66 -18.44 -22.03
N SER C 54 -2.27 -17.26 -22.48
CA SER C 54 -0.88 -16.79 -22.30
C SER C 54 -0.50 -16.32 -20.90
N GLN C 55 -1.48 -16.16 -20.02
CA GLN C 55 -1.17 -15.78 -18.65
C GLN C 55 -1.54 -16.84 -17.68
N ILE C 56 -0.81 -16.91 -16.58
CA ILE C 56 -1.18 -17.82 -15.47
C ILE C 56 -1.83 -16.87 -14.41
N LEU C 57 -2.99 -17.21 -13.89
CA LEU C 57 -3.60 -16.47 -12.80
C LEU C 57 -3.25 -17.27 -11.54
N ALA C 58 -2.68 -16.62 -10.52
CA ALA C 58 -2.26 -17.32 -9.29
C ALA C 58 -2.79 -16.72 -8.00
N THR C 59 -2.96 -17.53 -6.95
CA THR C 59 -3.32 -16.97 -5.63
C THR C 59 -2.46 -17.73 -4.65
N VAL C 60 -1.88 -17.04 -3.67
CA VAL C 60 -0.92 -17.69 -2.75
C VAL C 60 -1.17 -17.14 -1.35
N SER C 61 -0.89 -17.97 -0.31
CA SER C 61 -0.75 -17.52 1.07
C SER C 61 0.18 -18.52 1.75
N VAL C 62 0.69 -18.16 2.91
CA VAL C 62 1.50 -19.16 3.60
C VAL C 62 1.20 -19.06 5.09
N LEU C 63 1.43 -20.16 5.80
CA LEU C 63 1.15 -20.18 7.28
C LEU C 63 2.35 -21.03 7.79
N ALA C 64 3.07 -20.54 8.77
CA ALA C 64 4.10 -21.33 9.47
C ALA C 64 3.42 -22.16 10.54
N VAL C 65 3.92 -23.39 10.72
CA VAL C 65 3.27 -24.32 11.68
C VAL C 65 4.28 -24.58 12.84
N LYS C 66 5.59 -24.33 12.70
CA LYS C 66 6.50 -24.58 13.92
C LYS C 66 7.78 -23.90 13.58
N GLY C 67 8.62 -23.64 14.61
CA GLY C 67 9.94 -23.09 14.38
C GLY C 67 9.85 -21.58 14.61
N SER C 68 10.81 -20.87 14.03
CA SER C 68 11.12 -19.56 14.52
C SER C 68 10.09 -18.53 13.99
N LEU C 69 9.18 -18.98 13.13
CA LEU C 69 8.04 -18.10 12.70
C LEU C 69 6.70 -18.47 13.31
N ALA C 70 6.68 -19.41 14.24
CA ALA C 70 5.44 -19.79 14.88
C ALA C 70 5.78 -20.18 16.31
N PRO C 71 5.86 -19.21 17.27
CA PRO C 71 5.57 -17.80 16.98
C PRO C 71 6.83 -17.15 16.41
N ILE C 72 6.67 -16.04 15.73
CA ILE C 72 7.81 -15.19 15.37
C ILE C 72 8.67 -14.88 16.60
N SER C 73 9.99 -15.07 16.45
CA SER C 73 10.90 -15.05 17.60
C SER C 73 12.11 -14.11 17.23
N GLY C 74 12.81 -13.62 18.27
CA GLY C 74 14.03 -12.87 18.07
C GLY C 74 13.78 -11.68 17.17
N THR C 75 14.72 -11.42 16.27
CA THR C 75 14.61 -10.27 15.35
C THR C 75 14.26 -10.72 13.90
N VAL C 76 13.66 -11.92 13.77
CA VAL C 76 13.30 -12.44 12.45
C VAL C 76 12.29 -11.49 11.76
N GLN C 77 12.65 -10.98 10.57
CA GLN C 77 11.87 -9.94 9.86
C GLN C 77 11.71 -10.33 8.42
N SER C 78 11.96 -11.63 8.15
CA SER C 78 11.81 -12.09 6.74
C SER C 78 11.76 -13.61 6.64
N ALA C 79 11.26 -14.13 5.54
CA ALA C 79 11.24 -15.56 5.28
C ALA C 79 11.28 -15.70 3.77
N HIS C 80 11.62 -16.85 3.24
CA HIS C 80 11.54 -17.01 1.77
C HIS C 80 11.44 -18.41 1.37
N LEU C 81 10.94 -18.66 0.16
CA LEU C 81 10.83 -20.04 -0.32
C LEU C 81 11.14 -19.93 -1.82
N ILE C 82 12.01 -20.77 -2.34
CA ILE C 82 12.33 -20.73 -3.77
C ILE C 82 11.83 -22.08 -4.33
N ILE C 83 11.03 -22.05 -5.38
CA ILE C 83 10.57 -23.30 -6.04
C ILE C 83 11.29 -23.35 -7.42
N ARG C 84 11.96 -24.43 -7.68
CA ARG C 84 12.74 -24.60 -8.92
C ARG C 84 12.14 -25.69 -9.75
N PHE C 85 12.15 -25.50 -11.07
CA PHE C 85 11.58 -26.48 -11.93
C PHE C 85 12.60 -26.85 -12.99
N ASP C 86 12.50 -28.06 -13.55
CA ASP C 86 13.44 -28.55 -14.59
C ASP C 86 12.89 -28.10 -15.95
N GLU C 87 13.53 -28.58 -17.05
CA GLU C 87 13.31 -28.01 -18.40
C GLU C 87 11.89 -28.42 -18.83
N ASN C 88 11.31 -29.45 -18.19
CA ASN C 88 9.93 -29.83 -18.52
C ASN C 88 8.92 -29.22 -17.53
N GLY C 89 9.35 -28.22 -16.74
CA GLY C 89 8.39 -27.54 -15.80
C GLY C 89 8.07 -28.45 -14.60
N VAL C 90 8.87 -29.50 -14.38
CA VAL C 90 8.62 -30.39 -13.21
C VAL C 90 9.45 -29.97 -12.03
N LEU C 91 8.79 -29.93 -10.89
CA LEU C 91 9.45 -29.58 -9.61
C LEU C 91 10.75 -30.35 -9.34
N LEU C 92 11.83 -29.65 -8.98
CA LEU C 92 13.09 -30.36 -8.81
C LEU C 92 12.97 -31.22 -7.55
N ASN C 93 13.68 -32.33 -7.49
CA ASN C 93 13.64 -32.95 -6.17
C ASN C 93 14.65 -32.30 -5.23
N ASN C 94 14.52 -32.62 -3.96
CA ASN C 94 15.25 -31.83 -2.97
C ASN C 94 14.69 -30.39 -2.96
N SER C 95 13.68 -30.10 -3.80
CA SER C 95 12.75 -28.90 -3.58
C SER C 95 12.28 -28.63 -2.12
N PHE C 96 12.33 -27.39 -1.69
CA PHE C 96 11.78 -27.04 -0.41
C PHE C 96 10.21 -27.05 -0.42
N LEU C 97 9.61 -27.53 -1.50
CA LEU C 97 8.18 -27.67 -1.62
C LEU C 97 8.06 -29.14 -1.89
N ASP C 98 7.28 -29.82 -1.05
CA ASP C 98 7.02 -31.29 -1.17
C ASP C 98 6.28 -31.64 -2.44
N PRO C 99 6.92 -32.40 -3.35
CA PRO C 99 6.21 -32.85 -4.56
C PRO C 99 4.87 -33.60 -4.39
N GLU C 100 4.63 -34.24 -3.26
CA GLU C 100 3.28 -34.78 -2.98
C GLU C 100 2.15 -33.77 -2.88
N TYR C 101 2.38 -32.51 -2.48
CA TYR C 101 1.29 -31.54 -2.58
C TYR C 101 1.56 -30.66 -3.76
N TRP C 102 2.03 -31.25 -4.86
CA TRP C 102 2.18 -30.34 -6.01
C TRP C 102 1.85 -31.08 -7.25
N ASN C 103 0.68 -30.82 -7.81
CA ASN C 103 0.31 -31.57 -8.98
C ASN C 103 -0.87 -30.94 -9.69
N PHE C 104 -1.14 -31.42 -10.87
CA PHE C 104 -2.29 -30.93 -11.60
C PHE C 104 -3.47 -31.29 -10.79
N ARG C 105 -4.55 -30.56 -10.99
CA ARG C 105 -5.81 -30.88 -10.29
C ARG C 105 -6.33 -32.26 -10.79
N ASN C 106 -6.46 -33.18 -9.82
CA ASN C 106 -6.34 -34.66 -10.07
C ASN C 106 -5.07 -35.12 -10.82
N THR C 110 -5.07 -37.62 -14.73
CA THR C 110 -4.62 -36.34 -15.29
C THR C 110 -3.15 -36.10 -15.04
N GLU C 111 -2.42 -35.97 -16.15
CA GLU C 111 -1.28 -35.07 -16.17
C GLU C 111 -1.20 -34.34 -17.54
N GLY C 112 -1.05 -33.02 -17.46
CA GLY C 112 -0.88 -32.14 -18.61
C GLY C 112 0.57 -31.73 -18.83
N ASN C 113 0.79 -30.49 -19.23
CA ASN C 113 2.14 -30.05 -19.64
C ASN C 113 2.57 -28.90 -18.73
N ALA C 114 3.53 -29.18 -17.84
CA ALA C 114 3.89 -28.18 -16.85
C ALA C 114 4.55 -26.95 -17.48
N VAL C 115 5.18 -27.06 -18.67
CA VAL C 115 5.81 -25.90 -19.28
C VAL C 115 4.80 -24.78 -19.54
N GLY C 116 3.53 -25.14 -19.81
CA GLY C 116 2.47 -24.17 -19.98
C GLY C 116 2.23 -23.32 -18.72
N PHE C 117 2.77 -23.76 -17.58
CA PHE C 117 2.60 -22.98 -16.33
C PHE C 117 3.86 -22.22 -15.95
N MET C 118 4.95 -22.36 -16.75
CA MET C 118 6.18 -21.79 -16.28
C MET C 118 6.28 -20.30 -16.64
N PRO C 119 7.01 -19.51 -15.86
CA PRO C 119 7.10 -18.09 -16.25
C PRO C 119 7.96 -18.01 -17.51
N ASN C 120 7.51 -17.17 -18.41
CA ASN C 120 8.08 -17.05 -19.74
C ASN C 120 9.52 -16.52 -19.63
N LEU C 121 10.45 -17.26 -20.25
CA LEU C 121 11.82 -16.86 -20.22
C LEU C 121 12.19 -15.65 -21.09
N SER C 122 11.38 -15.22 -22.05
CA SER C 122 11.72 -13.96 -22.71
C SER C 122 11.32 -12.75 -21.78
N ALA C 123 10.14 -12.85 -21.16
CA ALA C 123 9.69 -11.78 -20.25
C ALA C 123 10.51 -11.74 -18.96
N TYR C 124 10.90 -12.93 -18.44
CA TYR C 124 11.59 -12.99 -17.16
C TYR C 124 12.84 -13.87 -17.39
N PRO C 125 13.91 -13.25 -17.94
CA PRO C 125 15.03 -14.18 -18.29
C PRO C 125 15.70 -14.89 -17.12
N LYS C 126 16.25 -16.11 -17.36
CA LYS C 126 16.87 -16.90 -16.31
C LYS C 126 17.99 -16.06 -15.66
N SER C 127 18.01 -16.16 -14.32
CA SER C 127 18.91 -15.47 -13.38
C SER C 127 18.88 -13.97 -13.55
N HIS C 128 17.76 -13.42 -14.04
CA HIS C 128 17.58 -11.97 -14.03
C HIS C 128 16.70 -11.56 -12.85
N GLY C 129 16.95 -12.18 -11.69
CA GLY C 129 16.09 -11.92 -10.46
C GLY C 129 16.14 -10.50 -9.99
N LYS C 130 17.24 -9.80 -10.29
CA LYS C 130 17.28 -8.37 -9.85
C LYS C 130 16.72 -7.42 -10.91
N THR C 131 16.22 -7.93 -12.03
CA THR C 131 15.55 -7.07 -13.04
C THR C 131 14.14 -6.73 -12.50
N ALA C 132 13.78 -5.46 -12.56
CA ALA C 132 12.55 -5.01 -11.99
C ALA C 132 11.37 -5.83 -12.47
N LYS C 133 11.25 -5.95 -13.80
CA LYS C 133 10.10 -6.63 -14.41
C LYS C 133 9.92 -8.13 -13.96
N SER C 134 11.00 -8.81 -13.53
CA SER C 134 10.90 -10.19 -13.03
C SER C 134 10.38 -10.29 -11.60
N ASN C 135 10.02 -9.16 -11.02
CA ASN C 135 9.47 -9.12 -9.69
C ASN C 135 8.04 -8.54 -9.64
N ILE C 136 7.24 -9.14 -8.76
CA ILE C 136 5.83 -8.63 -8.53
C ILE C 136 5.87 -8.37 -7.03
N VAL C 137 5.59 -7.11 -6.63
CA VAL C 137 5.82 -6.82 -5.18
C VAL C 137 4.56 -6.16 -4.59
N SER C 138 4.07 -6.64 -3.45
CA SER C 138 2.84 -5.95 -2.92
CA SER C 138 2.77 -6.14 -2.93
C SER C 138 2.78 -6.26 -1.42
N GLN C 139 1.90 -5.61 -0.69
CA GLN C 139 1.85 -5.92 0.74
C GLN C 139 0.71 -6.95 0.91
N VAL C 140 0.96 -7.88 1.84
CA VAL C 140 0.03 -8.86 2.38
C VAL C 140 0.00 -8.61 3.89
N TYR C 141 -0.85 -9.30 4.65
CA TYR C 141 -1.13 -8.81 6.02
C TYR C 141 -1.18 -10.01 6.95
N LEU C 142 -0.42 -9.93 8.04
CA LEU C 142 -0.38 -10.97 8.97
C LEU C 142 -1.78 -11.09 9.60
N ASN C 143 -2.26 -12.33 9.76
CA ASN C 143 -3.56 -12.66 10.32
C ASN C 143 -4.65 -12.00 9.49
N GLY C 144 -4.42 -11.52 8.28
CA GLY C 144 -5.51 -10.80 7.60
C GLY C 144 -5.73 -9.41 8.21
N ASP C 145 -4.78 -8.97 9.05
CA ASP C 145 -5.04 -7.70 9.85
C ASP C 145 -4.31 -6.51 9.12
N LYS C 146 -5.08 -5.51 8.68
CA LYS C 146 -4.59 -4.36 8.00
C LYS C 146 -3.53 -3.59 8.74
N THR C 147 -3.42 -3.74 10.07
CA THR C 147 -2.39 -2.92 10.80
C THR C 147 -1.10 -3.71 10.84
N LYS C 148 -1.02 -4.90 10.19
CA LYS C 148 0.20 -5.76 10.27
C LYS C 148 0.73 -6.14 8.85
N PRO C 149 1.16 -5.17 8.08
CA PRO C 149 1.66 -5.41 6.69
C PRO C 149 2.93 -6.19 6.68
N VAL C 150 3.09 -6.99 5.62
CA VAL C 150 4.32 -7.73 5.39
C VAL C 150 4.48 -7.57 3.85
N THR C 151 5.67 -7.26 3.35
CA THR C 151 5.84 -7.18 1.91
C THR C 151 6.05 -8.55 1.36
N LEU C 152 5.44 -8.84 0.21
CA LEU C 152 5.72 -10.10 -0.46
C LEU C 152 6.35 -9.70 -1.82
N THR C 153 7.53 -10.25 -2.09
CA THR C 153 8.22 -10.03 -3.40
C THR C 153 8.19 -11.41 -4.03
N ILE C 154 7.60 -11.50 -5.22
CA ILE C 154 7.63 -12.73 -6.00
C ILE C 154 8.66 -12.50 -7.12
N THR C 155 9.64 -13.42 -7.31
CA THR C 155 10.61 -13.20 -8.36
C THR C 155 10.44 -14.39 -9.31
N LEU C 156 10.45 -14.12 -10.60
CA LEU C 156 10.17 -15.17 -11.57
C LEU C 156 11.55 -15.49 -12.25
N ASN C 157 11.88 -16.78 -12.36
CA ASN C 157 13.16 -17.19 -13.02
C ASN C 157 14.42 -16.47 -12.51
N GLY C 158 14.46 -16.14 -11.24
CA GLY C 158 15.58 -15.42 -10.66
C GLY C 158 16.71 -16.37 -10.19
N THR C 159 16.52 -17.67 -10.24
CA THR C 159 17.50 -18.51 -9.52
C THR C 159 18.90 -18.57 -10.17
N GLN C 160 19.86 -18.90 -9.31
CA GLN C 160 21.28 -18.89 -9.61
C GLN C 160 21.88 -20.20 -9.04
N GLU C 161 22.14 -21.19 -9.90
CA GLU C 161 22.87 -22.42 -9.49
C GLU C 161 24.21 -22.41 -10.20
N THR C 162 25.31 -22.48 -9.46
CA THR C 162 26.62 -22.63 -10.11
C THR C 162 27.41 -23.70 -9.38
N THR C 165 24.97 -27.26 -6.98
CA THR C 165 23.52 -27.37 -7.11
C THR C 165 23.17 -28.01 -8.49
N THR C 166 22.03 -28.70 -8.57
CA THR C 166 21.39 -29.10 -9.87
C THR C 166 20.91 -27.83 -10.58
N PRO C 167 21.03 -27.80 -11.94
CA PRO C 167 20.48 -26.63 -12.64
C PRO C 167 18.92 -26.63 -12.68
N SER C 168 18.32 -25.48 -12.49
CA SER C 168 16.89 -25.35 -12.74
C SER C 168 16.69 -24.63 -14.08
N ALA C 169 15.64 -24.90 -14.84
CA ALA C 169 15.34 -24.13 -16.04
C ALA C 169 14.39 -22.93 -15.70
N TYR C 170 13.58 -23.04 -14.63
CA TYR C 170 12.55 -22.01 -14.28
C TYR C 170 12.48 -21.94 -12.80
N SER C 171 11.99 -20.80 -12.26
CA SER C 171 11.82 -20.80 -10.77
C SER C 171 10.72 -19.75 -10.48
N MET C 172 10.20 -19.93 -9.29
CA MET C 172 9.27 -18.92 -8.72
C MET C 172 9.68 -18.81 -7.23
N SER C 173 10.11 -17.61 -6.79
N SER C 173 10.00 -17.60 -6.82
CA SER C 173 10.45 -17.45 -5.36
CA SER C 173 10.50 -17.37 -5.47
C SER C 173 9.64 -16.35 -4.67
C SER C 173 9.43 -16.54 -4.74
N PHE C 174 9.33 -16.69 -3.42
CA PHE C 174 8.47 -15.81 -2.60
C PHE C 174 9.37 -15.31 -1.46
N SER C 175 9.49 -13.99 -1.30
CA SER C 175 10.32 -13.42 -0.23
C SER C 175 9.39 -12.53 0.55
N TRP C 176 9.15 -12.88 1.80
CA TRP C 176 8.36 -12.06 2.74
C TRP C 176 9.26 -11.23 3.58
N ASP C 177 8.93 -9.95 3.74
CA ASP C 177 9.85 -9.14 4.50
C ASP C 177 9.05 -8.09 5.27
N TRP C 178 9.27 -8.01 6.57
CA TRP C 178 8.56 -6.97 7.34
C TRP C 178 9.56 -6.14 8.16
N SER C 179 10.67 -5.79 7.50
CA SER C 179 11.75 -5.03 8.19
C SER C 179 11.18 -3.82 8.91
N GLY C 180 11.63 -3.59 10.12
CA GLY C 180 11.21 -2.42 10.87
C GLY C 180 9.93 -2.67 11.63
N HIS C 181 9.25 -3.80 11.38
CA HIS C 181 8.06 -4.14 12.19
C HIS C 181 8.39 -5.19 13.23
N ASN C 182 7.91 -5.01 14.48
CA ASN C 182 8.24 -5.95 15.57
C ASN C 182 7.00 -6.86 15.80
N TYR C 183 6.97 -8.08 15.21
CA TYR C 183 5.78 -8.90 15.28
C TYR C 183 6.10 -10.08 16.17
N ILE C 184 7.13 -9.96 16.98
CA ILE C 184 7.45 -11.09 17.92
C ILE C 184 6.21 -11.53 18.68
N ASN C 185 6.07 -12.86 18.91
CA ASN C 185 4.86 -13.47 19.49
C ASN C 185 3.68 -13.72 18.49
N GLU C 186 3.70 -13.12 17.31
CA GLU C 186 2.57 -13.41 16.37
C GLU C 186 2.88 -14.71 15.67
N ILE C 187 1.87 -15.36 15.08
CA ILE C 187 2.13 -16.52 14.20
C ILE C 187 2.26 -16.00 12.79
N PHE C 188 3.31 -16.37 12.09
CA PHE C 188 3.42 -15.97 10.68
C PHE C 188 2.35 -16.67 9.84
N ALA C 189 1.26 -15.96 9.52
CA ALA C 189 0.16 -16.56 8.72
C ALA C 189 -0.37 -15.36 7.87
N THR C 190 -0.38 -15.44 6.53
CA THR C 190 -0.69 -14.26 5.74
C THR C 190 -2.12 -14.36 5.15
N SER C 191 -2.61 -13.21 4.76
CA SER C 191 -3.78 -13.06 3.91
C SER C 191 -3.40 -13.65 2.54
N SER C 192 -4.41 -13.81 1.65
CA SER C 192 -4.17 -14.41 0.35
C SER C 192 -3.94 -13.29 -0.64
N TYR C 193 -3.17 -13.58 -1.70
CA TYR C 193 -2.80 -12.51 -2.60
C TYR C 193 -2.94 -13.09 -4.00
N THR C 194 -3.38 -12.25 -4.97
CA THR C 194 -3.55 -12.74 -6.32
C THR C 194 -2.48 -12.05 -7.23
N PHE C 195 -1.92 -12.78 -8.23
CA PHE C 195 -1.05 -12.04 -9.23
C PHE C 195 -1.13 -12.89 -10.50
N SER C 196 -0.56 -12.39 -11.60
CA SER C 196 -0.50 -13.16 -12.82
C SER C 196 0.84 -12.96 -13.46
N TYR C 197 1.16 -13.82 -14.42
CA TYR C 197 2.45 -13.61 -15.15
C TYR C 197 2.31 -14.28 -16.52
N ILE C 198 3.18 -13.90 -17.46
CA ILE C 198 3.15 -14.48 -18.81
C ILE C 198 3.66 -15.90 -18.79
N ALA C 199 2.93 -16.81 -19.41
CA ALA C 199 3.31 -18.20 -19.38
C ALA C 199 4.33 -18.45 -20.49
N GLN C 200 5.15 -19.48 -20.27
CA GLN C 200 6.21 -19.83 -21.28
C GLN C 200 5.61 -20.32 -22.57
N GLU C 201 4.60 -21.18 -22.54
CA GLU C 201 3.90 -21.45 -23.80
C GLU C 201 2.38 -21.59 -23.57
N ASP D 1 -24.07 25.33 -16.95
CA ASP D 1 -24.26 26.08 -15.67
C ASP D 1 -22.94 26.54 -15.01
N LEU D 2 -22.87 27.85 -14.76
CA LEU D 2 -21.82 28.44 -13.93
C LEU D 2 -21.67 27.80 -12.49
N GLY D 3 -22.79 27.41 -11.88
CA GLY D 3 -22.80 26.71 -10.59
C GLY D 3 -21.84 25.53 -10.55
N LYS D 4 -22.01 24.54 -11.45
CA LYS D 4 -21.12 23.38 -11.52
C LYS D 4 -19.63 23.77 -11.62
N LYS D 5 -19.32 24.79 -12.42
CA LYS D 5 -17.92 25.25 -12.61
C LYS D 5 -17.42 25.89 -11.33
N LEU D 6 -18.33 26.63 -10.67
CA LEU D 6 -17.97 27.17 -9.34
C LEU D 6 -17.73 26.03 -8.32
N LEU D 7 -18.64 25.05 -8.29
CA LEU D 7 -18.44 23.94 -7.32
C LEU D 7 -17.06 23.31 -7.57
N GLU D 8 -16.78 23.04 -8.86
CA GLU D 8 -15.48 22.44 -9.23
C GLU D 8 -14.27 23.35 -8.93
N ALA D 9 -14.31 24.63 -9.33
CA ALA D 9 -13.20 25.51 -8.97
C ALA D 9 -12.96 25.61 -7.45
N ALA D 10 -14.04 25.74 -6.63
CA ALA D 10 -13.85 25.79 -5.14
C ALA D 10 -13.15 24.51 -4.67
N ARG D 11 -13.63 23.37 -5.14
CA ARG D 11 -13.01 22.15 -4.67
C ARG D 11 -11.56 21.93 -5.08
N ALA D 12 -11.13 22.46 -6.25
CA ALA D 12 -9.77 22.23 -6.79
C ALA D 12 -8.91 23.37 -6.28
N GLY D 13 -9.46 24.17 -5.37
CA GLY D 13 -8.73 25.31 -4.86
C GLY D 13 -8.27 26.25 -5.94
N GLN D 14 -9.15 26.56 -6.88
CA GLN D 14 -8.77 27.52 -7.90
C GLN D 14 -9.14 28.96 -7.50
N ASP D 15 -8.36 29.44 -6.54
CA ASP D 15 -8.55 30.87 -6.10
C ASP D 15 -8.93 31.78 -7.26
N ASP D 16 -8.01 32.00 -8.21
CA ASP D 16 -8.34 32.88 -9.35
C ASP D 16 -9.61 32.48 -10.13
N GLU D 17 -9.80 31.18 -10.42
CA GLU D 17 -10.91 30.76 -11.24
C GLU D 17 -12.17 31.15 -10.59
N VAL D 18 -12.18 31.03 -9.25
CA VAL D 18 -13.36 31.37 -8.51
C VAL D 18 -13.64 32.88 -8.68
N ARG D 19 -12.60 33.72 -8.54
CA ARG D 19 -12.89 35.16 -8.76
C ARG D 19 -13.43 35.46 -10.16
N ILE D 20 -12.85 34.81 -11.19
CA ILE D 20 -13.31 35.08 -12.57
C ILE D 20 -14.82 34.76 -12.59
N LEU D 21 -15.16 33.57 -12.08
CA LEU D 21 -16.53 33.05 -12.08
C LEU D 21 -17.53 33.96 -11.31
N MET D 22 -17.13 34.40 -10.12
CA MET D 22 -17.94 35.38 -9.37
C MET D 22 -18.06 36.69 -10.21
N ALA D 23 -16.94 37.14 -10.80
CA ALA D 23 -16.97 38.31 -11.73
C ALA D 23 -18.09 38.16 -12.78
N ASN D 24 -18.17 36.97 -13.37
CA ASN D 24 -19.09 36.64 -14.47
C ASN D 24 -20.53 36.35 -14.09
N GLY D 25 -20.88 36.42 -12.78
CA GLY D 25 -22.25 36.11 -12.30
C GLY D 25 -22.53 34.71 -11.76
N ALA D 26 -21.50 33.91 -11.50
CA ALA D 26 -21.71 32.56 -10.88
C ALA D 26 -22.50 32.68 -9.56
N ASP D 27 -23.52 31.84 -9.36
CA ASP D 27 -24.28 31.84 -8.11
C ASP D 27 -23.46 31.25 -6.91
N ALA D 28 -23.19 32.10 -5.91
CA ALA D 28 -22.36 31.64 -4.72
C ALA D 28 -23.09 30.54 -3.92
N ASN D 29 -24.42 30.45 -4.06
CA ASN D 29 -25.21 29.47 -3.35
C ASN D 29 -25.66 28.24 -4.14
N ALA D 30 -24.96 27.95 -5.23
CA ALA D 30 -25.17 26.69 -6.01
C ALA D 30 -24.88 25.50 -5.10
N TYR D 31 -25.56 24.39 -5.33
CA TYR D 31 -25.27 23.23 -4.58
C TYR D 31 -25.33 22.00 -5.47
N ASP D 32 -24.63 20.92 -5.10
CA ASP D 32 -24.64 19.72 -5.96
C ASP D 32 -25.76 18.80 -5.46
N HIS D 33 -25.87 17.60 -5.94
CA HIS D 33 -27.04 16.94 -5.43
C HIS D 33 -26.89 16.26 -4.08
N TYR D 34 -25.73 16.42 -3.44
CA TYR D 34 -25.59 15.99 -2.02
C TYR D 34 -25.81 17.17 -1.09
N GLY D 35 -26.21 18.31 -1.66
CA GLY D 35 -26.33 19.54 -0.89
C GLY D 35 -25.04 20.25 -0.57
N ARG D 36 -23.92 19.86 -1.19
CA ARG D 36 -22.68 20.60 -0.96
C ARG D 36 -22.65 21.90 -1.77
N THR D 37 -22.12 22.98 -1.16
CA THR D 37 -22.14 24.27 -1.84
C THR D 37 -20.67 24.58 -2.03
N PRO D 38 -20.34 25.63 -2.77
CA PRO D 38 -18.91 25.96 -2.94
C PRO D 38 -18.25 26.26 -1.61
N LEU D 39 -19.00 26.87 -0.66
CA LEU D 39 -18.39 27.17 0.63
C LEU D 39 -18.03 25.83 1.38
N HIS D 40 -18.89 24.79 1.27
CA HIS D 40 -18.51 23.47 1.83
C HIS D 40 -17.19 23.01 1.18
N MET D 41 -17.15 23.05 -0.16
CA MET D 41 -15.88 22.62 -0.89
C MET D 41 -14.66 23.40 -0.35
N ALA D 42 -14.79 24.74 -0.31
CA ALA D 42 -13.63 25.57 0.09
C ALA D 42 -13.22 25.37 1.54
N ALA D 43 -14.22 25.25 2.43
CA ALA D 43 -13.93 24.98 3.88
C ALA D 43 -13.25 23.63 3.99
N ALA D 44 -13.70 22.64 3.18
CA ALA D 44 -13.04 21.28 3.29
C ALA D 44 -11.63 21.23 2.75
N VAL D 45 -11.37 21.85 1.59
CA VAL D 45 -10.00 21.76 1.05
C VAL D 45 -9.11 22.74 1.78
N GLY D 46 -9.66 23.75 2.44
CA GLY D 46 -8.76 24.60 3.21
C GLY D 46 -8.39 25.89 2.49
N HIS D 47 -9.25 26.37 1.59
CA HIS D 47 -8.81 27.55 0.79
C HIS D 47 -9.44 28.85 1.33
N LEU D 48 -8.67 29.58 2.09
CA LEU D 48 -9.23 30.74 2.86
C LEU D 48 -9.75 31.81 1.95
N GLU D 49 -8.97 32.17 0.91
CA GLU D 49 -9.37 33.29 0.06
C GLU D 49 -10.62 32.98 -0.68
N ILE D 50 -10.78 31.74 -1.10
CA ILE D 50 -12.08 31.36 -1.70
C ILE D 50 -13.27 31.42 -0.71
N VAL D 51 -13.07 30.85 0.48
CA VAL D 51 -14.09 31.04 1.60
C VAL D 51 -14.48 32.57 1.69
N GLU D 52 -13.48 33.47 1.73
CA GLU D 52 -13.77 34.93 1.86
C GLU D 52 -14.50 35.52 0.68
N VAL D 53 -14.09 35.10 -0.53
CA VAL D 53 -14.74 35.61 -1.72
C VAL D 53 -16.22 35.23 -1.73
N LEU D 54 -16.46 33.95 -1.45
CA LEU D 54 -17.79 33.44 -1.49
C LEU D 54 -18.60 34.17 -0.42
N LEU D 55 -18.03 34.33 0.79
CA LEU D 55 -18.83 34.96 1.89
C LEU D 55 -19.07 36.46 1.50
N ARG D 56 -18.08 37.11 0.90
CA ARG D 56 -18.30 38.53 0.48
C ARG D 56 -19.39 38.59 -0.56
N ASN D 57 -19.59 37.51 -1.30
CA ASN D 57 -20.57 37.47 -2.38
C ASN D 57 -21.89 36.90 -1.94
N GLY D 58 -22.12 36.81 -0.62
CA GLY D 58 -23.42 36.32 -0.21
C GLY D 58 -23.57 34.82 -0.02
N ALA D 59 -22.47 34.10 0.04
CA ALA D 59 -22.65 32.64 0.32
C ALA D 59 -23.34 32.42 1.69
N ASP D 60 -24.27 31.48 1.79
CA ASP D 60 -24.95 31.17 3.06
C ASP D 60 -23.99 30.41 3.99
N VAL D 61 -23.55 31.11 5.02
CA VAL D 61 -22.55 30.61 5.96
C VAL D 61 -23.05 29.35 6.71
N ASN D 62 -24.37 29.19 6.76
CA ASN D 62 -25.03 28.05 7.49
C ASN D 62 -25.63 26.99 6.62
N ALA D 63 -25.27 26.95 5.33
CA ALA D 63 -25.80 25.89 4.41
C ALA D 63 -25.50 24.50 4.98
N VAL D 64 -26.44 23.60 4.81
CA VAL D 64 -26.22 22.20 5.28
C VAL D 64 -26.29 21.31 4.06
N ASP D 65 -25.54 20.19 4.07
CA ASP D 65 -25.67 19.18 3.01
C ASP D 65 -26.77 18.26 3.48
N THR D 66 -26.98 17.12 2.83
CA THR D 66 -28.08 16.21 3.18
C THR D 66 -27.88 15.54 4.50
N ASN D 67 -26.69 15.66 5.10
CA ASN D 67 -26.54 15.06 6.45
C ASN D 67 -26.59 16.12 7.53
N GLY D 68 -26.87 17.39 7.13
CA GLY D 68 -26.94 18.48 8.12
C GLY D 68 -25.52 19.02 8.42
N THR D 69 -24.49 18.68 7.62
CA THR D 69 -23.11 19.17 7.86
C THR D 69 -23.01 20.57 7.22
N THR D 70 -22.45 21.48 7.99
CA THR D 70 -22.23 22.90 7.64
C THR D 70 -20.76 23.10 7.31
N PRO D 71 -20.42 24.22 6.67
CA PRO D 71 -19.01 24.54 6.41
C PRO D 71 -18.26 24.64 7.71
N LEU D 72 -18.89 25.15 8.81
CA LEU D 72 -18.11 25.21 10.06
C LEU D 72 -17.76 23.80 10.59
N HIS D 73 -18.69 22.85 10.46
CA HIS D 73 -18.30 21.48 10.82
C HIS D 73 -17.05 21.08 10.01
N LEU D 74 -17.03 21.38 8.69
CA LEU D 74 -15.91 20.90 7.87
C LEU D 74 -14.60 21.58 8.32
N ALA D 75 -14.62 22.92 8.45
CA ALA D 75 -13.35 23.59 8.82
C ALA D 75 -12.86 23.21 10.18
N ALA D 76 -13.81 23.06 11.14
CA ALA D 76 -13.38 22.65 12.50
C ALA D 76 -12.84 21.21 12.52
N SER D 77 -13.56 20.32 11.88
CA SER D 77 -13.08 18.92 11.83
C SER D 77 -11.69 18.78 11.19
N LEU D 78 -11.50 19.42 10.03
CA LEU D 78 -10.26 19.27 9.21
C LEU D 78 -9.15 20.20 9.68
N GLY D 79 -9.42 21.06 10.64
CA GLY D 79 -8.33 21.75 11.33
C GLY D 79 -7.95 23.10 10.67
N HIS D 80 -8.85 23.74 9.91
CA HIS D 80 -8.53 25.01 9.26
C HIS D 80 -8.92 26.16 10.19
N LEU D 81 -8.00 26.61 11.03
CA LEU D 81 -8.39 27.59 12.10
C LEU D 81 -8.88 28.94 11.54
N GLU D 82 -8.15 29.47 10.55
CA GLU D 82 -8.54 30.80 10.06
C GLU D 82 -9.86 30.73 9.34
N ILE D 83 -10.17 29.62 8.64
CA ILE D 83 -11.50 29.48 8.06
C ILE D 83 -12.59 29.43 9.19
N VAL D 84 -12.33 28.63 10.24
CA VAL D 84 -13.29 28.56 11.39
C VAL D 84 -13.51 30.04 11.87
N GLU D 85 -12.44 30.83 12.01
CA GLU D 85 -12.62 32.24 12.55
C GLU D 85 -13.47 33.06 11.63
N VAL D 86 -13.16 33.00 10.33
CA VAL D 86 -13.93 33.77 9.33
C VAL D 86 -15.37 33.30 9.24
N LEU D 87 -15.62 32.00 9.22
CA LEU D 87 -17.04 31.53 9.18
C LEU D 87 -17.81 32.12 10.44
N LEU D 88 -17.17 32.09 11.60
CA LEU D 88 -17.83 32.55 12.86
C LEU D 88 -18.10 34.09 12.71
N LYS D 89 -17.13 34.81 12.13
CA LYS D 89 -17.29 36.25 11.86
C LYS D 89 -18.46 36.60 10.93
N TYR D 90 -18.82 35.68 10.05
CA TYR D 90 -19.99 35.87 9.22
C TYR D 90 -21.22 35.24 9.81
N GLY D 91 -21.22 34.79 11.07
CA GLY D 91 -22.53 34.35 11.66
C GLY D 91 -22.75 32.82 11.56
N ALA D 92 -21.66 32.04 11.37
CA ALA D 92 -21.84 30.57 11.43
C ALA D 92 -22.40 30.18 12.83
N ASP D 93 -23.35 29.23 12.81
CA ASP D 93 -23.96 28.74 14.07
C ASP D 93 -22.95 27.84 14.73
N VAL D 94 -22.41 28.29 15.86
CA VAL D 94 -21.34 27.51 16.58
C VAL D 94 -21.70 26.12 16.97
N ASN D 95 -23.00 25.84 17.28
CA ASN D 95 -23.43 24.48 17.75
C ASN D 95 -24.35 23.80 16.74
N ALA D 96 -24.21 24.15 15.46
CA ALA D 96 -24.98 23.44 14.42
C ALA D 96 -24.86 21.91 14.65
N LYS D 97 -25.94 21.15 14.52
CA LYS D 97 -25.83 19.74 14.79
C LYS D 97 -26.15 18.98 13.50
N ASP D 98 -25.31 18.00 13.15
CA ASP D 98 -25.60 17.20 11.93
C ASP D 98 -26.69 16.20 12.22
N ALA D 99 -26.95 15.29 11.27
CA ALA D 99 -28.07 14.30 11.46
C ALA D 99 -27.89 13.40 12.69
N THR D 100 -26.69 13.24 13.24
CA THR D 100 -26.65 12.41 14.45
C THR D 100 -26.29 13.21 15.69
N GLY D 101 -26.41 14.52 15.61
CA GLY D 101 -26.23 15.33 16.84
C GLY D 101 -24.79 15.84 16.97
N ILE D 102 -23.93 15.55 15.99
CA ILE D 102 -22.50 16.01 16.15
CA ILE D 102 -22.50 16.01 16.05
C ILE D 102 -22.32 17.47 15.79
N THR D 103 -21.52 18.18 16.60
CA THR D 103 -21.27 19.58 16.43
C THR D 103 -19.86 19.86 15.94
N PRO D 104 -19.55 21.13 15.61
CA PRO D 104 -18.14 21.48 15.22
C PRO D 104 -17.19 21.22 16.35
N LEU D 105 -17.60 21.51 17.59
CA LEU D 105 -16.70 21.28 18.76
C LEU D 105 -16.35 19.77 18.88
N TYR D 106 -17.34 18.92 18.75
CA TYR D 106 -17.13 17.50 18.93
C TYR D 106 -16.09 17.04 17.84
N LEU D 107 -16.23 17.53 16.60
CA LEU D 107 -15.27 17.02 15.52
C LEU D 107 -13.90 17.62 15.77
N ALA D 108 -13.85 18.92 16.15
CA ALA D 108 -12.49 19.51 16.41
C ALA D 108 -11.80 18.78 17.54
N ALA D 109 -12.56 18.39 18.56
CA ALA D 109 -12.02 17.63 19.68
C ALA D 109 -11.60 16.22 19.25
N TYR D 110 -12.45 15.54 18.49
CA TYR D 110 -12.14 14.14 18.10
C TYR D 110 -10.81 14.10 17.31
N TRP D 111 -10.61 15.06 16.39
CA TRP D 111 -9.40 15.05 15.53
C TRP D 111 -8.30 15.86 16.15
N GLY D 112 -8.48 16.31 17.38
CA GLY D 112 -7.36 16.87 18.21
C GLY D 112 -6.93 18.30 17.78
N HIS D 113 -7.83 19.12 17.25
CA HIS D 113 -7.47 20.49 16.90
C HIS D 113 -7.71 21.39 18.08
N LEU D 114 -6.70 21.60 18.94
N LEU D 114 -6.68 21.57 18.92
CA LEU D 114 -6.96 22.23 20.23
CA LEU D 114 -6.77 22.21 20.23
C LEU D 114 -7.23 23.73 20.11
C LEU D 114 -7.17 23.69 20.13
N GLU D 115 -6.52 24.40 19.20
CA GLU D 115 -6.75 25.83 19.03
C GLU D 115 -8.17 26.07 18.51
N ILE D 116 -8.67 25.20 17.64
CA ILE D 116 -10.00 25.38 17.16
C ILE D 116 -11.03 25.08 18.27
N VAL D 117 -10.77 24.07 19.12
CA VAL D 117 -11.64 23.77 20.27
C VAL D 117 -11.73 25.08 21.11
N GLU D 118 -10.61 25.76 21.32
CA GLU D 118 -10.60 26.99 22.19
C GLU D 118 -11.35 28.13 21.52
N VAL D 119 -11.20 28.32 20.21
CA VAL D 119 -11.96 29.37 19.55
C VAL D 119 -13.45 29.03 19.64
N LEU D 120 -13.86 27.78 19.34
CA LEU D 120 -15.28 27.42 19.41
C LEU D 120 -15.86 27.68 20.79
N LEU D 121 -15.12 27.32 21.85
CA LEU D 121 -15.64 27.53 23.21
C LEU D 121 -15.86 29.03 23.45
N LYS D 122 -15.00 29.90 22.92
CA LYS D 122 -15.20 31.37 23.19
C LYS D 122 -16.43 31.94 22.52
N HIS D 123 -16.93 31.27 21.48
CA HIS D 123 -18.16 31.68 20.77
C HIS D 123 -19.36 30.93 21.27
N GLY D 124 -19.18 30.16 22.36
CA GLY D 124 -20.42 29.51 22.94
C GLY D 124 -20.59 28.08 22.51
N ALA D 125 -19.50 27.40 22.08
CA ALA D 125 -19.59 25.98 21.78
C ALA D 125 -20.12 25.22 23.03
N ASP D 126 -21.02 24.22 22.83
CA ASP D 126 -21.69 23.57 24.01
C ASP D 126 -20.96 22.22 24.26
N VAL D 127 -20.19 22.13 25.36
CA VAL D 127 -19.50 20.89 25.73
C VAL D 127 -20.54 19.81 26.02
N ASN D 128 -21.85 20.13 26.20
CA ASN D 128 -22.71 19.00 26.62
C ASN D 128 -23.26 18.20 25.49
N ALA D 129 -23.07 18.65 24.26
CA ALA D 129 -23.75 17.95 23.10
C ALA D 129 -23.24 16.53 22.91
N GLN D 130 -24.17 15.57 22.88
CA GLN D 130 -23.78 14.13 22.88
C GLN D 130 -23.85 13.56 21.44
N ASP D 131 -22.94 12.63 21.12
CA ASP D 131 -23.15 11.85 19.86
C ASP D 131 -24.22 10.80 20.07
N LYS D 132 -24.47 9.96 19.05
CA LYS D 132 -25.58 8.99 19.11
C LYS D 132 -25.44 7.97 20.25
N PHE D 133 -24.21 7.78 20.77
CA PHE D 133 -23.91 6.81 21.80
C PHE D 133 -23.98 7.51 23.13
N GLY D 134 -24.29 8.83 23.18
CA GLY D 134 -24.39 9.50 24.54
C GLY D 134 -23.08 10.12 24.95
N LYS D 135 -22.07 10.18 24.05
CA LYS D 135 -20.75 10.65 24.47
C LYS D 135 -20.57 12.15 24.03
N THR D 136 -19.94 12.96 24.91
CA THR D 136 -19.65 14.37 24.63
C THR D 136 -18.21 14.48 24.14
N ALA D 137 -17.79 15.68 23.72
CA ALA D 137 -16.38 15.96 23.36
C ALA D 137 -15.44 15.63 24.51
N PHE D 138 -15.90 15.89 25.72
CA PHE D 138 -15.14 15.53 26.90
C PHE D 138 -14.96 14.00 27.02
N ASP D 139 -16.03 13.23 26.85
CA ASP D 139 -15.91 11.76 27.04
C ASP D 139 -14.95 11.21 25.98
N ILE D 140 -15.03 11.78 24.81
CA ILE D 140 -14.15 11.40 23.67
C ILE D 140 -12.68 11.74 23.97
N SER D 141 -12.40 12.87 24.62
CA SER D 141 -11.06 13.16 25.08
C SER D 141 -10.50 12.17 26.05
N ILE D 142 -11.30 11.82 27.04
CA ILE D 142 -10.95 10.80 27.99
C ILE D 142 -10.61 9.52 27.26
N ASP D 143 -11.52 9.03 26.44
CA ASP D 143 -11.31 7.89 25.58
C ASP D 143 -9.96 8.02 24.87
N ILE D 144 -9.91 8.81 23.80
CA ILE D 144 -8.71 9.09 23.00
C ILE D 144 -7.41 9.24 23.81
N GLY D 145 -7.52 9.55 25.08
CA GLY D 145 -6.33 9.76 25.92
C GLY D 145 -5.73 11.14 25.81
N ASN D 146 -6.50 12.10 25.30
CA ASN D 146 -5.99 13.45 25.15
C ASN D 146 -6.14 14.35 26.38
N GLU D 147 -5.10 14.37 27.22
CA GLU D 147 -5.15 15.10 28.49
C GLU D 147 -5.28 16.65 28.36
N ASP D 148 -4.58 17.23 27.40
CA ASP D 148 -4.60 18.68 27.14
C ASP D 148 -6.03 19.02 26.77
N LEU D 149 -6.62 18.28 25.84
CA LEU D 149 -8.01 18.55 25.51
C LEU D 149 -8.98 18.34 26.66
N ALA D 150 -8.86 17.24 27.40
CA ALA D 150 -9.74 17.01 28.54
C ALA D 150 -9.74 18.22 29.54
N GLU D 151 -8.57 18.79 29.83
CA GLU D 151 -8.52 20.01 30.67
C GLU D 151 -9.12 21.25 30.05
N ILE D 152 -9.10 21.38 28.73
CA ILE D 152 -9.67 22.55 28.08
C ILE D 152 -11.20 22.43 28.20
N LEU D 153 -11.71 21.20 28.19
CA LEU D 153 -13.15 21.00 28.00
C LEU D 153 -13.84 20.89 29.35
N GLN D 154 -13.08 20.58 30.38
CA GLN D 154 -13.60 20.44 31.74
C GLN D 154 -13.58 21.79 32.44
N ASP E 1 34.80 -8.43 -16.73
CA ASP E 1 34.82 -6.94 -16.93
C ASP E 1 34.88 -6.13 -15.60
N LEU E 2 36.04 -5.51 -15.36
CA LEU E 2 36.24 -4.78 -14.09
C LEU E 2 35.28 -3.55 -13.91
N GLY E 3 34.99 -2.82 -14.98
CA GLY E 3 34.00 -1.69 -14.97
C GLY E 3 32.64 -2.03 -14.36
N LYS E 4 31.99 -3.06 -14.92
CA LYS E 4 30.64 -3.43 -14.41
C LYS E 4 30.74 -3.74 -12.90
N LYS E 5 31.73 -4.53 -12.52
CA LYS E 5 31.90 -4.85 -11.09
C LYS E 5 32.11 -3.61 -10.25
N LEU E 6 32.93 -2.68 -10.76
CA LEU E 6 33.18 -1.45 -10.02
C LEU E 6 31.89 -0.61 -9.91
N LEU E 7 31.12 -0.53 -11.00
CA LEU E 7 29.79 0.21 -10.94
C LEU E 7 28.90 -0.41 -9.86
N GLU E 8 28.83 -1.75 -9.88
CA GLU E 8 27.96 -2.46 -8.93
C GLU E 8 28.41 -2.33 -7.48
N ALA E 9 29.70 -2.49 -7.22
CA ALA E 9 30.25 -2.34 -5.89
C ALA E 9 30.11 -0.94 -5.31
N ALA E 10 30.30 0.10 -6.15
CA ALA E 10 30.06 1.48 -5.71
C ALA E 10 28.59 1.65 -5.39
N ARG E 11 27.72 1.14 -6.26
CA ARG E 11 26.27 1.31 -6.00
C ARG E 11 25.83 0.62 -4.70
N ALA E 12 26.34 -0.60 -4.47
CA ALA E 12 25.99 -1.42 -3.28
C ALA E 12 26.61 -0.87 -2.00
N GLY E 13 27.53 0.06 -2.13
CA GLY E 13 28.22 0.57 -0.96
C GLY E 13 29.20 -0.42 -0.37
N GLN E 14 29.82 -1.21 -1.24
CA GLN E 14 30.87 -2.11 -0.85
C GLN E 14 32.23 -1.39 -0.90
N ASP E 15 32.44 -0.53 0.09
CA ASP E 15 33.76 0.07 0.31
C ASP E 15 34.96 -0.81 -0.01
N ASP E 16 35.09 -1.99 0.59
CA ASP E 16 36.30 -2.71 0.31
C ASP E 16 36.37 -3.32 -1.07
N GLU E 17 35.19 -3.70 -1.57
CA GLU E 17 35.15 -4.37 -2.87
C GLU E 17 35.68 -3.37 -3.87
N VAL E 18 35.38 -2.11 -3.60
CA VAL E 18 35.86 -1.01 -4.43
C VAL E 18 37.39 -0.94 -4.37
N ARG E 19 37.93 -0.93 -3.14
CA ARG E 19 39.41 -0.88 -2.98
C ARG E 19 40.12 -2.06 -3.65
N ILE E 20 39.59 -3.27 -3.43
CA ILE E 20 40.15 -4.46 -4.09
C ILE E 20 40.21 -4.26 -5.61
N LEU E 21 39.08 -3.85 -6.22
CA LEU E 21 38.96 -3.67 -7.67
C LEU E 21 39.86 -2.57 -8.23
N MET E 22 39.99 -1.46 -7.48
CA MET E 22 40.88 -0.39 -7.89
C MET E 22 42.26 -1.05 -7.88
N ALA E 23 42.60 -1.69 -6.76
CA ALA E 23 43.87 -2.40 -6.66
C ALA E 23 44.09 -3.18 -7.96
N ASN E 24 43.08 -3.91 -8.45
CA ASN E 24 43.26 -4.82 -9.61
C ASN E 24 43.15 -4.16 -10.96
N GLY E 25 43.29 -2.83 -10.98
CA GLY E 25 43.33 -2.04 -12.21
C GLY E 25 41.99 -1.65 -12.83
N ALA E 26 40.87 -1.80 -12.10
CA ALA E 26 39.56 -1.29 -12.59
C ALA E 26 39.61 0.24 -12.89
N ASP E 27 39.00 0.67 -14.01
CA ASP E 27 39.04 2.07 -14.50
C ASP E 27 38.02 2.90 -13.73
N ALA E 28 38.47 3.91 -12.99
CA ALA E 28 37.58 4.74 -12.13
C ALA E 28 36.58 5.47 -13.04
N ASN E 29 36.94 5.67 -14.30
CA ASN E 29 36.04 6.29 -15.26
C ASN E 29 35.21 5.31 -16.04
N ALA E 30 34.99 4.07 -15.59
CA ALA E 30 34.09 3.26 -16.41
C ALA E 30 32.71 3.95 -16.36
N TYR E 31 31.88 3.62 -17.34
CA TYR E 31 30.48 4.12 -17.35
C TYR E 31 29.50 3.14 -17.98
N ASP E 32 28.21 3.28 -17.60
CA ASP E 32 27.26 2.26 -18.03
C ASP E 32 26.58 2.90 -19.19
N HIS E 33 25.60 2.25 -19.79
CA HIS E 33 25.15 2.89 -21.00
C HIS E 33 24.26 4.08 -20.79
N TYR E 34 24.00 4.46 -19.53
CA TYR E 34 23.22 5.74 -19.28
C TYR E 34 24.21 6.83 -19.01
N GLY E 35 25.52 6.49 -19.02
CA GLY E 35 26.57 7.45 -18.65
C GLY E 35 26.84 7.56 -17.18
N ARG E 36 26.27 6.70 -16.33
CA ARG E 36 26.55 6.83 -14.90
C ARG E 36 27.96 6.22 -14.72
N THR E 37 28.74 6.79 -13.82
CA THR E 37 30.11 6.33 -13.59
C THR E 37 30.07 5.88 -12.14
N PRO E 38 31.14 5.22 -11.67
CA PRO E 38 31.10 4.81 -10.28
C PRO E 38 30.92 5.95 -9.27
N LEU E 39 31.47 7.11 -9.59
CA LEU E 39 31.30 8.22 -8.67
C LEU E 39 29.82 8.72 -8.61
N HIS E 40 29.10 8.65 -9.72
CA HIS E 40 27.62 8.96 -9.62
C HIS E 40 26.96 7.98 -8.61
N MET E 41 27.27 6.68 -8.75
CA MET E 41 26.69 5.62 -7.91
C MET E 41 27.02 5.91 -6.47
N ALA E 42 28.30 6.17 -6.19
CA ALA E 42 28.68 6.42 -4.77
C ALA E 42 28.11 7.70 -4.26
N ALA E 43 28.08 8.77 -5.07
CA ALA E 43 27.49 10.03 -4.61
C ALA E 43 25.99 9.82 -4.31
N ALA E 44 25.28 9.07 -5.17
CA ALA E 44 23.80 8.88 -5.01
C ALA E 44 23.54 8.03 -3.74
N VAL E 45 24.35 7.00 -3.49
CA VAL E 45 23.99 6.16 -2.33
C VAL E 45 24.58 6.75 -1.06
N GLY E 46 25.52 7.65 -1.18
CA GLY E 46 25.96 8.39 -0.01
C GLY E 46 27.11 7.69 0.68
N HIS E 47 27.95 6.98 -0.07
CA HIS E 47 29.11 6.31 0.53
C HIS E 47 30.38 7.14 0.43
N LEU E 48 30.70 7.89 1.48
CA LEU E 48 31.80 8.88 1.44
C LEU E 48 33.18 8.25 1.11
N GLU E 49 33.46 7.07 1.66
CA GLU E 49 34.79 6.47 1.50
C GLU E 49 34.97 6.04 0.10
N ILE E 50 33.88 5.54 -0.50
CA ILE E 50 33.94 5.18 -1.90
C ILE E 50 34.20 6.43 -2.83
N VAL E 51 33.54 7.54 -2.49
CA VAL E 51 33.67 8.83 -3.24
C VAL E 51 35.16 9.20 -3.23
N GLU E 52 35.75 9.11 -2.04
CA GLU E 52 37.21 9.45 -1.88
C GLU E 52 38.20 8.52 -2.60
N VAL E 53 37.96 7.21 -2.58
CA VAL E 53 38.84 6.27 -3.27
C VAL E 53 38.79 6.54 -4.80
N LEU E 54 37.58 6.75 -5.28
CA LEU E 54 37.41 7.07 -6.69
C LEU E 54 38.15 8.38 -7.04
N LEU E 55 37.98 9.44 -6.27
CA LEU E 55 38.55 10.73 -6.70
C LEU E 55 40.14 10.60 -6.66
N ARG E 56 40.64 9.81 -5.73
CA ARG E 56 42.07 9.59 -5.65
C ARG E 56 42.61 8.76 -6.83
N ASN E 57 41.74 8.04 -7.51
CA ASN E 57 42.12 7.20 -8.61
C ASN E 57 41.75 7.91 -9.89
N GLY E 58 41.50 9.22 -9.81
CA GLY E 58 41.33 10.03 -11.00
C GLY E 58 39.95 10.01 -11.60
N ALA E 59 38.93 9.69 -10.79
CA ALA E 59 37.54 9.75 -11.28
C ALA E 59 37.21 11.17 -11.75
N ASP E 60 36.63 11.31 -12.95
CA ASP E 60 36.26 12.64 -13.49
C ASP E 60 35.19 13.18 -12.54
N VAL E 61 35.52 14.25 -11.78
CA VAL E 61 34.69 14.73 -10.68
C VAL E 61 33.30 15.34 -11.21
N ASN E 62 33.28 15.82 -12.46
CA ASN E 62 32.08 16.45 -13.10
C ASN E 62 31.60 15.62 -14.27
N ALA E 63 31.89 14.30 -14.28
CA ALA E 63 31.31 13.40 -15.29
C ALA E 63 29.79 13.63 -15.42
N VAL E 64 29.27 13.59 -16.64
CA VAL E 64 27.80 13.80 -16.78
C VAL E 64 27.23 12.52 -17.32
N ASP E 65 26.02 12.19 -16.82
CA ASP E 65 25.28 11.14 -17.42
C ASP E 65 24.60 11.69 -18.67
N THR E 66 23.74 10.88 -19.27
CA THR E 66 23.13 11.29 -20.48
C THR E 66 22.17 12.49 -20.34
N ASN E 67 21.73 12.84 -19.13
CA ASN E 67 20.88 14.05 -18.91
C ASN E 67 21.72 15.26 -18.43
N GLY E 68 23.04 15.16 -18.44
CA GLY E 68 23.85 16.30 -17.86
C GLY E 68 23.98 16.27 -16.38
N THR E 69 23.53 15.17 -15.71
CA THR E 69 23.58 15.20 -14.26
C THR E 69 24.97 14.77 -13.77
N THR E 70 25.56 15.55 -12.85
CA THR E 70 26.89 15.28 -12.29
C THR E 70 26.82 14.67 -10.92
N PRO E 71 27.95 14.16 -10.40
CA PRO E 71 27.92 13.60 -9.04
C PRO E 71 27.53 14.68 -8.02
N LEU E 72 27.86 15.95 -8.25
CA LEU E 72 27.52 17.00 -7.24
C LEU E 72 26.01 17.28 -7.29
N HIS E 73 25.40 17.28 -8.49
CA HIS E 73 23.91 17.31 -8.49
C HIS E 73 23.34 16.22 -7.56
N LEU E 74 23.83 14.99 -7.69
CA LEU E 74 23.28 13.84 -6.95
C LEU E 74 23.49 14.10 -5.45
N ALA E 75 24.71 14.46 -5.04
CA ALA E 75 24.96 14.53 -3.60
C ALA E 75 24.19 15.69 -2.99
N ALA E 76 24.08 16.82 -3.73
CA ALA E 76 23.34 17.98 -3.24
C ALA E 76 21.83 17.64 -3.24
N SER E 77 21.33 17.01 -4.31
CA SER E 77 19.88 16.69 -4.31
C SER E 77 19.49 15.75 -3.14
N LEU E 78 20.34 14.76 -2.88
CA LEU E 78 19.99 13.65 -1.95
C LEU E 78 20.51 13.95 -0.57
N GLY E 79 21.19 15.06 -0.40
CA GLY E 79 21.41 15.55 0.95
C GLY E 79 22.72 15.01 1.53
N HIS E 80 23.76 14.73 0.74
CA HIS E 80 25.00 14.09 1.34
C HIS E 80 26.08 15.19 1.48
N LEU E 81 25.98 15.91 2.59
CA LEU E 81 26.83 17.11 2.87
C LEU E 81 28.32 16.86 2.70
N GLU E 82 28.80 15.75 3.26
CA GLU E 82 30.24 15.61 3.42
C GLU E 82 30.72 15.17 2.06
N ILE E 83 29.85 14.49 1.29
CA ILE E 83 30.22 14.18 -0.08
C ILE E 83 30.28 15.47 -0.95
N VAL E 84 29.28 16.33 -0.77
CA VAL E 84 29.25 17.66 -1.44
C VAL E 84 30.63 18.38 -1.17
N GLU E 85 31.06 18.39 0.11
CA GLU E 85 32.39 19.09 0.41
C GLU E 85 33.61 18.46 -0.27
N VAL E 86 33.68 17.15 -0.26
CA VAL E 86 34.82 16.48 -0.84
C VAL E 86 34.80 16.68 -2.31
N LEU E 87 33.60 16.52 -2.92
CA LEU E 87 33.50 16.81 -4.35
C LEU E 87 34.02 18.24 -4.69
N LEU E 88 33.63 19.24 -3.93
CA LEU E 88 34.06 20.58 -4.21
C LEU E 88 35.62 20.69 -4.16
N LYS E 89 36.22 19.96 -3.18
CA LYS E 89 37.67 20.05 -3.00
C LYS E 89 38.39 19.60 -4.28
N TYR E 90 37.79 18.64 -4.98
CA TYR E 90 38.32 18.06 -6.22
C TYR E 90 37.96 18.73 -7.50
N GLY E 91 37.37 19.91 -7.40
CA GLY E 91 36.91 20.68 -8.57
C GLY E 91 35.43 20.49 -9.02
N ALA E 92 34.54 19.99 -8.14
CA ALA E 92 33.14 19.86 -8.55
C ALA E 92 32.62 21.22 -8.97
N ASP E 93 31.71 21.19 -9.97
CA ASP E 93 31.25 22.45 -10.62
C ASP E 93 29.92 22.84 -10.02
N VAL E 94 29.95 23.84 -9.18
CA VAL E 94 28.76 24.33 -8.48
C VAL E 94 27.69 24.84 -9.45
N ASN E 95 28.07 25.26 -10.64
CA ASN E 95 27.09 25.85 -11.58
C ASN E 95 26.81 24.93 -12.77
N ALA E 96 27.04 23.62 -12.61
CA ALA E 96 26.75 22.71 -13.73
C ALA E 96 25.19 22.73 -13.93
N LYS E 97 24.78 22.74 -15.19
CA LYS E 97 23.36 22.69 -15.53
C LYS E 97 23.11 21.35 -16.21
N ASP E 98 22.07 20.69 -15.76
CA ASP E 98 21.64 19.49 -16.45
C ASP E 98 20.85 19.89 -17.73
N ALA E 99 20.28 18.91 -18.44
CA ALA E 99 19.64 19.12 -19.70
C ALA E 99 18.43 20.06 -19.62
N THR E 100 17.84 20.38 -18.45
CA THR E 100 16.76 21.38 -18.51
C THR E 100 17.21 22.58 -17.68
N GLY E 101 18.52 22.73 -17.47
CA GLY E 101 19.03 23.96 -16.74
C GLY E 101 19.05 23.88 -15.24
N ILE E 102 18.75 22.69 -14.73
CA ILE E 102 18.73 22.53 -13.26
C ILE E 102 20.20 22.38 -12.70
N THR E 103 20.46 23.03 -11.58
CA THR E 103 21.80 23.12 -10.96
C THR E 103 21.76 22.42 -9.60
N PRO E 104 22.94 22.22 -8.95
CA PRO E 104 22.95 21.50 -7.65
C PRO E 104 22.25 22.35 -6.65
N LEU E 105 22.36 23.70 -6.77
CA LEU E 105 21.68 24.54 -5.76
C LEU E 105 20.13 24.38 -5.93
N TYR E 106 19.69 24.41 -7.16
CA TYR E 106 18.20 24.22 -7.40
C TYR E 106 17.71 22.91 -6.69
N LEU E 107 18.45 21.79 -6.82
CA LEU E 107 17.98 20.50 -6.23
C LEU E 107 18.12 20.54 -4.72
N ALA E 108 19.25 21.10 -4.23
CA ALA E 108 19.40 21.12 -2.76
C ALA E 108 18.27 21.98 -2.16
N ALA E 109 17.92 23.07 -2.82
CA ALA E 109 16.80 23.93 -2.34
C ALA E 109 15.47 23.16 -2.44
N TYR E 110 15.21 22.54 -3.61
CA TYR E 110 13.91 21.86 -3.82
C TYR E 110 13.65 20.80 -2.72
N TRP E 111 14.67 19.99 -2.41
CA TRP E 111 14.53 18.93 -1.41
C TRP E 111 14.83 19.38 -0.01
N GLY E 112 15.09 20.67 0.20
CA GLY E 112 15.17 21.22 1.54
C GLY E 112 16.50 20.95 2.23
N HIS E 113 17.61 20.69 1.53
CA HIS E 113 18.88 20.45 2.22
C HIS E 113 19.59 21.78 2.41
N LEU E 114 19.21 22.50 3.46
CA LEU E 114 19.70 23.88 3.70
C LEU E 114 21.20 24.06 3.96
N GLU E 115 21.83 23.18 4.72
CA GLU E 115 23.28 23.32 4.96
C GLU E 115 24.01 23.14 3.65
N ILE E 116 23.50 22.23 2.82
CA ILE E 116 24.06 22.10 1.50
C ILE E 116 23.84 23.38 0.72
N VAL E 117 22.66 23.98 0.82
CA VAL E 117 22.39 25.23 0.13
C VAL E 117 23.42 26.32 0.51
N GLU E 118 23.70 26.44 1.80
CA GLU E 118 24.73 27.42 2.30
C GLU E 118 26.09 27.11 1.74
N VAL E 119 26.46 25.84 1.76
CA VAL E 119 27.80 25.45 1.29
C VAL E 119 27.88 25.86 -0.18
N LEU E 120 26.83 25.60 -0.99
CA LEU E 120 26.97 25.86 -2.44
C LEU E 120 27.10 27.36 -2.69
N LEU E 121 26.30 28.14 -1.96
CA LEU E 121 26.31 29.58 -2.17
C LEU E 121 27.71 30.14 -1.80
N LYS E 122 28.34 29.59 -0.74
CA LYS E 122 29.66 30.08 -0.37
C LYS E 122 30.71 29.66 -1.39
N HIS E 123 30.38 28.77 -2.30
CA HIS E 123 31.33 28.37 -3.29
C HIS E 123 30.99 28.97 -4.64
N GLY E 124 30.19 30.01 -4.62
CA GLY E 124 29.96 30.77 -5.87
C GLY E 124 28.73 30.29 -6.64
N ALA E 125 27.84 29.44 -6.04
CA ALA E 125 26.64 29.04 -6.81
C ALA E 125 25.82 30.21 -7.28
N ASP E 126 25.46 30.21 -8.54
CA ASP E 126 24.69 31.33 -9.08
C ASP E 126 23.19 31.23 -8.66
N VAL E 127 22.73 32.09 -7.75
CA VAL E 127 21.30 32.03 -7.36
C VAL E 127 20.29 32.34 -8.44
N ASN E 128 20.70 33.02 -9.52
CA ASN E 128 19.77 33.48 -10.57
C ASN E 128 19.66 32.48 -11.65
N ALA E 129 20.26 31.30 -11.46
CA ALA E 129 20.17 30.29 -12.52
C ALA E 129 18.71 29.83 -12.64
N GLN E 130 18.19 29.71 -13.88
CA GLN E 130 16.80 29.35 -14.01
C GLN E 130 16.80 28.06 -14.75
N ASP E 131 15.81 27.26 -14.51
CA ASP E 131 15.60 26.11 -15.36
C ASP E 131 14.99 26.57 -16.71
N LYS E 132 14.65 25.63 -17.59
CA LYS E 132 14.17 26.04 -18.96
C LYS E 132 12.77 26.61 -18.93
N PHE E 133 12.09 26.53 -17.77
CA PHE E 133 10.81 27.20 -17.47
C PHE E 133 10.96 28.54 -16.73
N GLY E 134 12.18 28.98 -16.49
CA GLY E 134 12.32 30.32 -15.92
C GLY E 134 12.33 30.32 -14.40
N LYS E 135 12.30 29.13 -13.76
CA LYS E 135 12.22 29.03 -12.29
C LYS E 135 13.59 28.96 -11.66
N THR E 136 13.79 29.75 -10.60
CA THR E 136 15.07 29.78 -9.87
C THR E 136 14.78 29.18 -8.48
N ALA E 137 15.84 29.08 -7.72
CA ALA E 137 15.83 28.61 -6.37
C ALA E 137 14.94 29.49 -5.47
N PHE E 138 14.93 30.83 -5.70
CA PHE E 138 13.96 31.78 -5.08
CA PHE E 138 13.99 31.67 -5.00
C PHE E 138 12.53 31.37 -5.35
N ASP E 139 12.21 31.17 -6.63
CA ASP E 139 10.85 30.71 -7.00
C ASP E 139 10.49 29.39 -6.31
N ILE E 140 11.46 28.45 -6.19
CA ILE E 140 11.27 27.18 -5.43
C ILE E 140 10.85 27.47 -3.98
N SER E 141 11.55 28.36 -3.28
CA SER E 141 11.26 28.59 -1.88
C SER E 141 9.84 29.11 -1.69
N ILE E 142 9.33 29.84 -2.67
CA ILE E 142 7.95 30.33 -2.67
C ILE E 142 6.97 29.20 -3.02
N ASP E 143 7.25 28.46 -4.09
CA ASP E 143 6.37 27.37 -4.48
C ASP E 143 6.28 26.28 -3.40
N ILE E 144 7.40 25.92 -2.76
CA ILE E 144 7.41 24.82 -1.77
C ILE E 144 7.17 25.32 -0.36
N GLY E 145 6.90 26.62 -0.24
CA GLY E 145 6.65 27.25 1.09
C GLY E 145 7.76 27.32 2.14
N ASN E 146 9.02 27.12 1.77
CA ASN E 146 10.08 27.01 2.78
C ASN E 146 10.64 28.40 3.16
N GLU E 147 10.22 28.88 4.32
CA GLU E 147 10.56 30.21 4.82
C GLU E 147 12.07 30.34 5.17
N ASP E 148 12.63 29.33 5.84
CA ASP E 148 14.07 29.30 6.15
C ASP E 148 14.89 29.41 4.88
N LEU E 149 14.47 28.63 3.88
CA LEU E 149 15.11 28.69 2.59
C LEU E 149 15.12 30.10 1.95
N ALA E 150 13.95 30.76 1.86
CA ALA E 150 13.79 32.11 1.24
C ALA E 150 14.67 33.13 1.96
N GLU E 151 14.64 33.04 3.29
CA GLU E 151 15.53 33.81 4.14
C GLU E 151 16.99 33.61 3.73
N ILE E 152 17.44 32.35 3.69
CA ILE E 152 18.83 32.05 3.34
C ILE E 152 19.16 32.60 1.93
N LEU E 153 18.18 32.67 1.04
CA LEU E 153 18.46 33.17 -0.31
C LEU E 153 18.46 34.73 -0.37
N GLN E 154 19.61 35.33 -0.06
CA GLN E 154 19.90 36.77 -0.23
C GLN E 154 21.38 37.03 -0.14
N GLY F 3 -9.50 -21.22 29.95
CA GLY F 3 -8.30 -21.99 29.46
C GLY F 3 -7.82 -21.32 28.18
N LYS F 4 -8.36 -21.73 27.04
CA LYS F 4 -8.22 -20.98 25.77
C LYS F 4 -8.96 -19.62 25.82
N LYS F 5 -10.06 -19.58 26.59
CA LYS F 5 -10.78 -18.33 26.86
C LYS F 5 -9.88 -17.27 27.47
N LEU F 6 -9.09 -17.70 28.47
CA LEU F 6 -8.08 -16.87 29.09
C LEU F 6 -7.04 -16.37 28.07
N LEU F 7 -6.50 -17.30 27.26
CA LEU F 7 -5.51 -16.95 26.22
C LEU F 7 -6.09 -15.86 25.37
N GLU F 8 -7.36 -16.05 24.96
CA GLU F 8 -7.99 -15.07 24.09
C GLU F 8 -8.24 -13.73 24.79
N ALA F 9 -8.72 -13.75 26.04
CA ALA F 9 -8.97 -12.49 26.78
C ALA F 9 -7.68 -11.68 27.09
N ALA F 10 -6.58 -12.40 27.32
CA ALA F 10 -5.31 -11.76 27.57
C ALA F 10 -4.80 -11.05 26.29
N ARG F 11 -4.92 -11.72 25.15
CA ARG F 11 -4.51 -11.11 23.87
C ARG F 11 -5.39 -9.87 23.62
N ALA F 12 -6.70 -10.10 23.54
CA ALA F 12 -7.73 -9.09 23.30
C ALA F 12 -7.74 -7.93 24.27
N GLY F 13 -7.00 -8.00 25.38
CA GLY F 13 -6.88 -6.86 26.28
C GLY F 13 -8.08 -6.65 27.18
N GLN F 14 -8.92 -7.67 27.31
CA GLN F 14 -10.14 -7.56 28.09
C GLN F 14 -9.82 -7.75 29.57
N ASP F 15 -9.25 -6.69 30.15
CA ASP F 15 -8.80 -6.62 31.56
C ASP F 15 -9.86 -7.21 32.52
N ASP F 16 -11.13 -7.08 32.13
CA ASP F 16 -12.33 -7.46 32.90
C ASP F 16 -12.59 -8.97 32.98
N GLU F 17 -12.84 -9.51 31.79
CA GLU F 17 -12.88 -10.94 31.49
C GLU F 17 -11.79 -11.74 32.22
N VAL F 18 -10.56 -11.21 32.24
CA VAL F 18 -9.46 -11.97 32.78
C VAL F 18 -9.68 -12.35 34.25
N ARG F 19 -10.13 -11.40 35.08
CA ARG F 19 -10.41 -11.77 36.48
C ARG F 19 -11.75 -12.50 36.60
N ILE F 20 -12.69 -12.17 35.69
CA ILE F 20 -13.91 -12.99 35.57
C ILE F 20 -13.44 -14.47 35.46
N LEU F 21 -12.62 -14.75 34.43
CA LEU F 21 -12.11 -16.11 34.15
C LEU F 21 -11.20 -16.71 35.27
N MET F 22 -10.42 -15.86 35.94
CA MET F 22 -9.55 -16.30 37.05
C MET F 22 -10.38 -16.74 38.25
N ALA F 23 -11.47 -15.99 38.52
CA ALA F 23 -12.40 -16.26 39.63
C ALA F 23 -12.99 -17.67 39.56
N ASN F 24 -13.16 -18.14 38.32
CA ASN F 24 -13.75 -19.45 38.01
C ASN F 24 -12.74 -20.58 37.97
N GLY F 25 -11.49 -20.26 38.31
CA GLY F 25 -10.41 -21.23 38.35
C GLY F 25 -9.73 -21.51 37.03
N ALA F 26 -10.00 -20.68 35.99
CA ALA F 26 -9.26 -20.73 34.70
C ALA F 26 -7.76 -20.71 34.98
N ASP F 27 -7.00 -21.50 34.25
CA ASP F 27 -5.66 -21.84 34.66
C ASP F 27 -4.68 -20.74 34.12
N ALA F 28 -4.05 -20.00 35.04
CA ALA F 28 -3.15 -18.90 34.65
C ALA F 28 -1.98 -19.37 33.77
N ASN F 29 -1.60 -20.65 33.92
CA ASN F 29 -0.56 -21.31 33.10
C ASN F 29 -1.05 -22.20 31.92
N ALA F 30 -2.30 -21.99 31.45
CA ALA F 30 -2.78 -22.54 30.15
C ALA F 30 -1.77 -22.17 29.06
N TYR F 31 -1.66 -22.99 28.02
CA TYR F 31 -0.78 -22.68 26.91
C TYR F 31 -1.40 -23.18 25.59
N ASP F 32 -1.11 -22.49 24.46
CA ASP F 32 -1.67 -22.92 23.17
C ASP F 32 -0.63 -23.81 22.60
N HIS F 33 -0.82 -24.29 21.38
CA HIS F 33 0.11 -25.31 20.96
C HIS F 33 1.42 -24.79 20.47
N TYR F 34 1.62 -23.45 20.50
CA TYR F 34 2.96 -22.87 20.26
C TYR F 34 3.71 -22.62 21.58
N GLY F 35 3.12 -23.02 22.72
CA GLY F 35 3.77 -22.79 24.03
C GLY F 35 3.50 -21.39 24.58
N ARG F 36 2.60 -20.64 23.94
CA ARG F 36 2.32 -19.23 24.42
C ARG F 36 1.34 -19.30 25.59
N THR F 37 1.64 -18.58 26.67
CA THR F 37 0.74 -18.50 27.81
C THR F 37 0.00 -17.15 27.80
N PRO F 38 -1.07 -17.05 28.60
CA PRO F 38 -1.72 -15.77 28.79
C PRO F 38 -0.74 -14.66 29.13
N LEU F 39 0.32 -14.96 29.88
CA LEU F 39 1.26 -13.89 30.31
C LEU F 39 2.09 -13.45 29.07
N HIS F 40 2.44 -14.40 28.17
CA HIS F 40 3.07 -14.01 26.91
C HIS F 40 2.09 -13.07 26.15
N MET F 41 0.79 -13.41 26.07
CA MET F 41 -0.15 -12.53 25.28
C MET F 41 -0.24 -11.18 25.88
N ALA F 42 -0.37 -11.12 27.21
CA ALA F 42 -0.49 -9.80 27.88
C ALA F 42 0.77 -9.00 27.83
N ALA F 43 1.94 -9.67 27.99
CA ALA F 43 3.23 -8.96 27.91
C ALA F 43 3.45 -8.36 26.50
N ALA F 44 2.99 -9.11 25.47
CA ALA F 44 3.19 -8.74 24.04
C ALA F 44 2.30 -7.52 23.71
N VAL F 45 1.02 -7.61 24.08
CA VAL F 45 0.03 -6.54 23.72
C VAL F 45 0.22 -5.35 24.67
N GLY F 46 0.93 -5.57 25.78
CA GLY F 46 1.16 -4.47 26.75
C GLY F 46 0.03 -4.20 27.73
N HIS F 47 -0.71 -5.22 28.16
CA HIS F 47 -1.76 -4.97 29.15
C HIS F 47 -1.27 -5.18 30.57
N LEU F 48 -0.80 -4.09 31.20
CA LEU F 48 -0.21 -4.11 32.55
C LEU F 48 -1.10 -4.75 33.62
N GLU F 49 -2.36 -4.35 33.64
CA GLU F 49 -3.29 -4.86 34.63
C GLU F 49 -3.38 -6.40 34.58
N ILE F 50 -3.50 -6.90 33.34
CA ILE F 50 -3.63 -8.30 33.07
C ILE F 50 -2.33 -8.99 33.46
N VAL F 51 -1.17 -8.40 33.11
CA VAL F 51 0.10 -9.03 33.53
C VAL F 51 0.10 -9.24 35.10
N GLU F 52 -0.40 -8.24 35.82
CA GLU F 52 -0.40 -8.26 37.30
C GLU F 52 -1.40 -9.24 37.92
N VAL F 53 -2.62 -9.28 37.38
CA VAL F 53 -3.58 -10.26 37.82
C VAL F 53 -3.00 -11.65 37.61
N LEU F 54 -2.41 -11.93 36.44
CA LEU F 54 -1.92 -13.29 36.16
C LEU F 54 -0.80 -13.68 37.12
N LEU F 55 0.15 -12.75 37.31
CA LEU F 55 1.28 -13.04 38.21
C LEU F 55 0.80 -13.28 39.66
N ARG F 56 -0.12 -12.44 40.16
CA ARG F 56 -0.74 -12.64 41.48
C ARG F 56 -1.41 -14.01 41.61
N ASN F 57 -1.78 -14.60 40.48
CA ASN F 57 -2.47 -15.91 40.44
C ASN F 57 -1.49 -17.02 40.04
N GLY F 58 -0.21 -16.72 40.25
CA GLY F 58 0.86 -17.70 40.12
C GLY F 58 1.20 -18.14 38.70
N ALA F 59 1.01 -17.25 37.71
CA ALA F 59 1.46 -17.50 36.36
C ALA F 59 2.97 -17.67 36.38
N ASP F 60 3.49 -18.61 35.62
CA ASP F 60 4.90 -18.81 35.61
C ASP F 60 5.65 -17.63 34.89
N VAL F 61 6.38 -16.81 35.66
CA VAL F 61 7.01 -15.61 35.06
C VAL F 61 8.04 -15.98 33.96
N ASN F 62 8.58 -17.20 34.01
CA ASN F 62 9.64 -17.61 33.08
C ASN F 62 9.17 -18.66 32.05
N ALA F 63 7.84 -18.76 31.86
CA ALA F 63 7.23 -19.65 30.81
C ALA F 63 7.95 -19.41 29.50
N VAL F 64 8.31 -20.47 28.81
CA VAL F 64 8.89 -20.32 27.47
C VAL F 64 7.91 -20.87 26.39
N ASP F 65 7.86 -20.25 25.18
CA ASP F 65 7.11 -20.80 24.10
C ASP F 65 8.06 -21.80 23.41
N THR F 66 7.66 -22.40 22.28
CA THR F 66 8.50 -23.43 21.67
C THR F 66 9.83 -22.86 21.17
N ASN F 67 10.06 -21.55 21.17
CA ASN F 67 11.38 -21.02 20.69
C ASN F 67 12.24 -20.54 21.85
N GLY F 68 11.76 -20.76 23.05
CA GLY F 68 12.53 -20.33 24.26
C GLY F 68 12.23 -18.87 24.61
N THR F 69 11.18 -18.27 24.01
CA THR F 69 10.83 -16.82 24.31
C THR F 69 10.04 -16.70 25.57
N THR F 70 10.42 -15.79 26.49
CA THR F 70 9.72 -15.66 27.77
C THR F 70 8.96 -14.35 27.66
N PRO F 71 8.01 -14.12 28.54
CA PRO F 71 7.30 -12.82 28.56
C PRO F 71 8.30 -11.68 28.69
N LEU F 72 9.45 -11.87 29.40
CA LEU F 72 10.36 -10.71 29.60
C LEU F 72 10.97 -10.35 28.25
N HIS F 73 11.29 -11.35 27.40
CA HIS F 73 11.76 -11.05 26.05
C HIS F 73 10.72 -10.17 25.37
N LEU F 74 9.44 -10.53 25.53
CA LEU F 74 8.35 -9.85 24.72
C LEU F 74 8.23 -8.43 25.19
N ALA F 75 8.21 -8.25 26.52
CA ALA F 75 8.01 -6.87 27.10
C ALA F 75 9.16 -5.99 26.80
N ALA F 76 10.38 -6.55 26.94
CA ALA F 76 11.63 -5.77 26.62
C ALA F 76 11.67 -5.42 25.09
N SER F 77 11.41 -6.44 24.26
CA SER F 77 11.46 -6.25 22.81
C SER F 77 10.43 -5.19 22.38
N LEU F 78 9.22 -5.26 22.93
CA LEU F 78 8.14 -4.42 22.42
C LEU F 78 8.00 -3.09 23.14
N GLY F 79 8.85 -2.85 24.15
CA GLY F 79 8.92 -1.50 24.72
C GLY F 79 7.92 -1.24 25.85
N HIS F 80 7.54 -2.29 26.57
CA HIS F 80 6.60 -2.11 27.69
C HIS F 80 7.40 -2.05 29.01
N LEU F 81 7.75 -0.83 29.39
CA LEU F 81 8.61 -0.56 30.54
C LEU F 81 8.04 -1.04 31.88
N GLU F 82 6.78 -0.68 32.14
CA GLU F 82 6.21 -1.02 33.44
C GLU F 82 6.13 -2.54 33.51
N ILE F 83 5.73 -3.18 32.40
CA ILE F 83 5.63 -4.66 32.38
C ILE F 83 7.01 -5.30 32.62
N VAL F 84 8.08 -4.73 32.06
CA VAL F 84 9.44 -5.23 32.29
C VAL F 84 9.74 -5.13 33.79
N GLU F 85 9.32 -4.01 34.39
CA GLU F 85 9.57 -3.80 35.88
C GLU F 85 8.82 -4.81 36.70
N VAL F 86 7.51 -5.01 36.40
CA VAL F 86 6.74 -5.99 37.15
C VAL F 86 7.24 -7.44 36.90
N LEU F 87 7.61 -7.78 35.65
CA LEU F 87 8.21 -9.11 35.46
C LEU F 87 9.47 -9.36 36.32
N LEU F 88 10.38 -8.40 36.30
CA LEU F 88 11.62 -8.56 37.04
C LEU F 88 11.35 -8.70 38.54
N LYS F 89 10.35 -7.93 39.04
CA LYS F 89 9.88 -7.97 40.46
C LYS F 89 9.44 -9.37 40.87
N TYR F 90 8.95 -10.13 39.90
CA TYR F 90 8.34 -11.46 40.16
C TYR F 90 9.34 -12.54 39.86
N GLY F 91 10.51 -12.09 39.43
CA GLY F 91 11.71 -12.90 39.40
C GLY F 91 11.95 -13.46 38.00
N ALA F 92 11.59 -12.73 36.96
CA ALA F 92 11.98 -13.12 35.59
C ALA F 92 13.52 -13.16 35.36
N ASP F 93 13.95 -14.17 34.65
CA ASP F 93 15.38 -14.38 34.39
C ASP F 93 15.84 -13.27 33.39
N VAL F 94 16.62 -12.34 33.88
CA VAL F 94 17.00 -11.17 33.14
C VAL F 94 17.93 -11.58 31.98
N ASN F 95 18.50 -12.77 32.09
CA ASN F 95 19.47 -13.27 31.15
C ASN F 95 18.92 -14.41 30.29
N ALA F 96 17.59 -14.58 30.28
CA ALA F 96 16.93 -15.70 29.52
C ALA F 96 17.45 -15.66 28.13
N LYS F 97 17.81 -16.84 27.60
CA LYS F 97 18.21 -16.96 26.19
C LYS F 97 17.16 -17.73 25.39
N ASP F 98 16.82 -17.23 24.20
CA ASP F 98 15.90 -17.97 23.31
C ASP F 98 16.71 -19.00 22.49
N ALA F 99 16.06 -19.67 21.56
CA ALA F 99 16.71 -20.78 20.86
C ALA F 99 17.98 -20.37 20.10
N THR F 100 18.17 -19.08 19.81
CA THR F 100 19.40 -18.62 19.10
C THR F 100 20.31 -17.80 19.99
N GLY F 101 20.05 -17.78 21.29
CA GLY F 101 20.90 -17.06 22.27
C GLY F 101 20.48 -15.65 22.57
N ILE F 102 19.35 -15.20 22.05
CA ILE F 102 18.96 -13.78 22.17
C ILE F 102 18.34 -13.59 23.51
N THR F 103 18.65 -12.46 24.13
CA THR F 103 18.25 -12.14 25.50
C THR F 103 17.32 -10.94 25.44
N PRO F 104 16.59 -10.63 26.53
CA PRO F 104 15.77 -9.40 26.62
C PRO F 104 16.60 -8.15 26.36
N LEU F 105 17.85 -8.13 26.81
CA LEU F 105 18.65 -6.89 26.66
C LEU F 105 18.95 -6.66 25.17
N TYR F 106 19.34 -7.74 24.49
CA TYR F 106 19.61 -7.77 23.07
C TYR F 106 18.40 -7.16 22.26
N LEU F 107 17.15 -7.56 22.65
CA LEU F 107 15.91 -7.12 21.92
C LEU F 107 15.54 -5.64 22.23
N ALA F 108 15.60 -5.29 23.50
CA ALA F 108 15.42 -3.89 23.93
C ALA F 108 16.38 -2.96 23.20
N ALA F 109 17.64 -3.42 23.01
CA ALA F 109 18.67 -2.62 22.34
C ALA F 109 18.36 -2.49 20.85
N TYR F 110 18.13 -3.66 20.25
CA TYR F 110 17.84 -3.76 18.82
C TYR F 110 16.71 -2.82 18.46
N TRP F 111 15.64 -2.84 19.24
CA TRP F 111 14.48 -2.01 18.92
C TRP F 111 14.53 -0.64 19.52
N GLY F 112 15.63 -0.27 20.17
CA GLY F 112 15.84 1.13 20.64
C GLY F 112 15.01 1.57 21.83
N HIS F 113 14.77 0.66 22.76
CA HIS F 113 14.03 0.94 23.96
C HIS F 113 15.02 1.20 25.08
N LEU F 114 15.57 2.42 25.09
CA LEU F 114 16.73 2.73 25.96
C LEU F 114 16.45 2.73 27.47
N GLU F 115 15.31 3.26 27.90
CA GLU F 115 14.94 3.14 29.33
C GLU F 115 14.89 1.68 29.80
N ILE F 116 14.39 0.79 28.95
CA ILE F 116 14.34 -0.66 29.29
C ILE F 116 15.75 -1.23 29.27
N VAL F 117 16.62 -0.80 28.33
CA VAL F 117 18.02 -1.24 28.32
C VAL F 117 18.62 -0.84 29.71
N GLU F 118 18.36 0.39 30.14
CA GLU F 118 18.86 0.86 31.45
C GLU F 118 18.40 -0.02 32.61
N VAL F 119 17.10 -0.31 32.67
CA VAL F 119 16.53 -1.19 33.71
C VAL F 119 17.17 -2.62 33.72
N LEU F 120 17.34 -3.22 32.54
CA LEU F 120 17.83 -4.62 32.43
C LEU F 120 19.27 -4.66 32.98
N LEU F 121 20.06 -3.67 32.57
CA LEU F 121 21.46 -3.50 33.07
C LEU F 121 21.55 -3.37 34.56
N LYS F 122 20.71 -2.47 35.12
CA LYS F 122 20.58 -2.28 36.58
C LYS F 122 20.28 -3.67 37.24
N HIS F 123 19.39 -4.43 36.59
CA HIS F 123 18.99 -5.76 37.04
C HIS F 123 19.87 -6.83 36.54
N GLY F 124 21.02 -6.47 36.03
CA GLY F 124 22.14 -7.48 35.88
C GLY F 124 22.16 -8.22 34.57
N ALA F 125 21.53 -7.64 33.54
CA ALA F 125 21.59 -8.24 32.24
C ALA F 125 23.05 -8.23 31.80
N ASP F 126 23.54 -9.39 31.34
CA ASP F 126 24.89 -9.51 30.79
C ASP F 126 25.05 -8.77 29.46
N VAL F 127 25.74 -7.63 29.47
CA VAL F 127 26.00 -6.90 28.23
C VAL F 127 26.67 -7.73 27.13
N ASN F 128 27.27 -8.86 27.52
CA ASN F 128 28.11 -9.68 26.63
C ASN F 128 27.49 -10.88 25.95
N ALA F 129 26.19 -11.14 26.18
CA ALA F 129 25.55 -12.28 25.56
C ALA F 129 25.52 -12.07 24.06
N GLN F 130 25.93 -13.10 23.33
CA GLN F 130 25.97 -13.12 21.86
C GLN F 130 24.80 -13.96 21.26
N ASP F 131 24.70 -14.02 19.92
CA ASP F 131 23.61 -14.67 19.17
C ASP F 131 24.15 -15.64 18.08
N LYS F 132 23.43 -15.68 16.94
CA LYS F 132 23.84 -16.31 15.65
C LYS F 132 25.23 -15.85 15.20
N PHE F 133 25.33 -14.64 14.64
CA PHE F 133 26.59 -14.08 14.13
C PHE F 133 27.65 -13.88 15.24
N GLY F 134 27.30 -14.17 16.49
CA GLY F 134 28.14 -13.82 17.64
C GLY F 134 28.15 -12.33 17.99
N LYS F 135 27.17 -11.58 17.45
CA LYS F 135 26.87 -10.16 17.82
C LYS F 135 26.34 -10.06 19.27
N THR F 136 26.57 -8.91 19.92
CA THR F 136 26.06 -8.64 21.30
C THR F 136 25.37 -7.28 21.32
N ALA F 137 24.70 -6.90 22.41
CA ALA F 137 24.00 -5.60 22.45
C ALA F 137 24.88 -4.46 21.94
N PHE F 138 26.15 -4.42 22.37
CA PHE F 138 27.13 -3.44 21.85
C PHE F 138 27.37 -3.50 20.32
N ASP F 139 27.65 -4.68 19.75
CA ASP F 139 27.74 -4.80 18.28
C ASP F 139 26.50 -4.22 17.60
N ILE F 140 25.32 -4.40 18.23
CA ILE F 140 24.03 -3.83 17.75
C ILE F 140 24.05 -2.28 17.75
N SER F 141 24.65 -1.68 18.78
CA SER F 141 24.65 -0.21 18.90
C SER F 141 25.38 0.48 17.76
N ILE F 142 26.68 0.22 17.62
CA ILE F 142 27.43 0.83 16.54
C ILE F 142 26.96 0.23 15.20
N ASP F 143 26.33 -0.96 15.23
CA ASP F 143 25.58 -1.54 14.08
C ASP F 143 24.42 -0.65 13.60
N ILE F 144 23.27 -0.69 14.31
CA ILE F 144 22.08 0.14 13.99
C ILE F 144 22.37 1.66 14.01
N GLY F 145 23.64 2.04 14.18
CA GLY F 145 24.07 3.44 14.17
C GLY F 145 23.37 4.26 15.24
N ASN F 146 23.39 3.77 16.48
CA ASN F 146 22.61 4.36 17.55
C ASN F 146 23.51 5.02 18.57
N GLU F 147 23.60 6.35 18.46
CA GLU F 147 24.39 7.18 19.36
C GLU F 147 24.16 6.89 20.86
N ASP F 148 22.94 7.15 21.36
CA ASP F 148 22.62 7.07 22.80
C ASP F 148 22.75 5.69 23.41
N LEU F 149 22.45 4.66 22.62
CA LEU F 149 22.64 3.29 23.06
C LEU F 149 24.14 2.92 23.20
N ALA F 150 24.98 3.34 22.26
CA ALA F 150 26.43 3.20 22.41
C ALA F 150 26.85 3.80 23.77
N GLU F 151 26.36 5.02 24.07
CA GLU F 151 26.59 5.73 25.35
C GLU F 151 26.14 4.99 26.63
N ILE F 152 24.88 4.55 26.65
CA ILE F 152 24.30 3.78 27.77
C ILE F 152 25.03 2.45 28.04
N LEU F 153 25.55 1.80 26.99
CA LEU F 153 26.37 0.59 27.16
C LEU F 153 27.79 0.99 27.63
N GLN F 154 27.88 1.30 28.92
CA GLN F 154 29.05 1.87 29.59
C GLN F 154 29.59 0.92 30.65
#